data_4JJF
#
_entry.id   4JJF
#
_cell.length_a   141.180
_cell.length_b   141.180
_cell.length_c   96.460
_cell.angle_alpha   90.00
_cell.angle_beta   90.00
_cell.angle_gamma   120.00
#
_symmetry.space_group_name_H-M   'H 3'
#
loop_
_entity.id
_entity.type
_entity.pdbx_description
1 polymer '5,10-methenyltetrahydromethanopterin hydrogenase'
2 non-polymer 'iron-guanylyl pyridinol cofactor'
3 non-polymer N-(naphthalen-2-yl)methanimine
4 water water
#
_entity_poly.entity_id   1
_entity_poly.type   'polypeptide(L)'
_entity_poly.pdbx_seq_one_letter_code
;MKLAILGAGCYRTHAASGITNFSRACEVAEMVGKPEIAMTHSTITMGAELKELAGVDEVVVADPVFDNQFTVIDDFAYED
VIEAHKEDPEKIMPQIREKVNEVAKELPKPPEGAIHFTHPEDLGFEITTDDREAVADADFIMTWFPKGDMQPDIINKFID
DIKPGAIVTHACTIPTTKFYKIFEQKHGDLVTKPETLNVTSYHPGAVPEMKGQVYIAEGYASEDAIETLFELGQKARGNA
YRLPAELLGPVCDMCSALTAITYAGILSYRDSVTQVLGAPASFAQMMAKESLEQITALMEKVGIDKMEENLDPGALLGTA
DSMNFGASAEILPTVFEILEKRKK
;
_entity_poly.pdbx_strand_id   A,B
#
loop_
_chem_comp.id
_chem_comp.type
_chem_comp.name
_chem_comp.formula
FE9 non-polymer 'iron-guanylyl pyridinol cofactor' 'C21 H23 Fe N6 O13 P S 4'
N2I non-polymer N-(naphthalen-2-yl)methanimine 'C11 H9 N'
#
# COMPACT_ATOMS: atom_id res chain seq x y z
N MET A 1 -35.76 -8.62 22.15
CA MET A 1 -35.83 -8.04 20.77
C MET A 1 -36.17 -9.04 19.66
N LYS A 2 -37.00 -8.59 18.72
CA LYS A 2 -37.46 -9.46 17.63
C LYS A 2 -36.49 -9.35 16.46
N LEU A 3 -35.93 -10.48 16.07
CA LEU A 3 -35.08 -10.55 14.87
C LEU A 3 -35.86 -11.11 13.70
N ALA A 4 -35.81 -10.42 12.58
CA ALA A 4 -36.45 -10.92 11.37
C ALA A 4 -35.34 -11.16 10.35
N ILE A 5 -35.09 -12.44 10.05
CA ILE A 5 -34.15 -12.85 9.02
C ILE A 5 -34.90 -12.92 7.69
N LEU A 6 -34.43 -12.15 6.73
CA LEU A 6 -35.13 -12.12 5.43
C LEU A 6 -34.20 -12.76 4.38
N GLY A 7 -34.45 -14.03 4.10
CA GLY A 7 -33.63 -14.80 3.15
C GLY A 7 -32.89 -15.88 3.93
N ALA A 8 -33.22 -17.15 3.68
CA ALA A 8 -32.53 -18.28 4.31
C ALA A 8 -31.23 -18.68 3.66
N GLY A 9 -31.02 -18.30 2.38
CA GLY A 9 -29.82 -18.70 1.63
C GLY A 9 -29.92 -20.10 1.03
N CYS A 10 -28.97 -20.41 0.16
CA CYS A 10 -28.88 -21.73 -0.41
C CYS A 10 -27.44 -22.19 -0.31
N TYR A 11 -27.24 -23.48 -0.10
CA TYR A 11 -25.89 -24.02 0.02
C TYR A 11 -25.14 -24.24 -1.33
N ARG A 12 -25.86 -24.29 -2.44
CA ARG A 12 -25.26 -24.71 -3.71
C ARG A 12 -23.87 -24.08 -4.04
N THR A 13 -23.78 -22.75 -3.96
CA THR A 13 -22.54 -22.03 -4.26
C THR A 13 -21.44 -22.28 -3.23
N HIS A 14 -21.84 -22.53 -1.97
CA HIS A 14 -20.86 -22.90 -0.94
C HIS A 14 -20.22 -24.22 -1.32
N ALA A 15 -21.03 -25.22 -1.66
CA ALA A 15 -20.53 -26.55 -2.06
C ALA A 15 -19.73 -26.45 -3.31
N ALA A 16 -20.29 -25.82 -4.33
CA ALA A 16 -19.67 -25.67 -5.66
C ALA A 16 -18.30 -24.98 -5.57
N SER A 17 -18.10 -24.08 -4.61
CA SER A 17 -16.79 -23.39 -4.46
C SER A 17 -15.64 -24.37 -4.10
N GLY A 18 -15.98 -25.51 -3.50
CA GLY A 18 -15.00 -26.53 -3.16
C GLY A 18 -14.09 -26.21 -1.99
N ILE A 19 -14.33 -25.09 -1.30
CA ILE A 19 -13.36 -24.68 -0.28
C ILE A 19 -13.99 -24.22 1.03
N THR A 20 -15.27 -24.46 1.20
CA THR A 20 -15.90 -24.13 2.48
C THR A 20 -16.15 -25.37 3.36
N ASN A 21 -16.21 -25.16 4.67
CA ASN A 21 -16.59 -26.23 5.60
C ASN A 21 -17.52 -25.65 6.68
N PHE A 22 -17.80 -26.46 7.70
CA PHE A 22 -18.73 -26.07 8.76
C PHE A 22 -18.04 -25.78 10.12
N SER A 23 -16.77 -25.40 10.13
CA SER A 23 -16.02 -25.25 11.40
C SER A 23 -16.76 -24.40 12.45
N ARG A 24 -17.16 -23.18 12.11
CA ARG A 24 -17.96 -22.34 13.00
C ARG A 24 -19.22 -23.05 13.49
N ALA A 25 -20.09 -23.45 12.56
CA ALA A 25 -21.37 -24.06 12.94
C ALA A 25 -21.18 -25.25 13.88
N CYS A 26 -20.14 -26.04 13.64
CA CYS A 26 -19.83 -27.20 14.50
C CYS A 26 -19.43 -26.78 15.90
N GLU A 27 -18.66 -25.70 15.95
CA GLU A 27 -18.20 -25.12 17.19
C GLU A 27 -19.39 -24.59 18.01
N VAL A 28 -20.28 -23.79 17.42
CA VAL A 28 -21.44 -23.39 18.22
C VAL A 28 -22.33 -24.63 18.60
N ALA A 29 -22.46 -25.60 17.70
CA ALA A 29 -23.31 -26.75 17.92
C ALA A 29 -22.84 -27.47 19.17
N GLU A 30 -21.51 -27.52 19.35
CA GLU A 30 -20.86 -28.04 20.55
C GLU A 30 -21.03 -27.10 21.74
N MET A 31 -20.88 -25.78 21.53
CA MET A 31 -21.00 -24.85 22.66
C MET A 31 -22.34 -25.07 23.37
N VAL A 32 -23.39 -25.33 22.60
CA VAL A 32 -24.75 -25.32 23.15
C VAL A 32 -25.41 -26.67 23.23
N GLY A 33 -24.67 -27.74 22.93
CA GLY A 33 -25.15 -29.13 23.04
C GLY A 33 -26.29 -29.38 22.07
N LYS A 34 -26.13 -28.93 20.84
CA LYS A 34 -27.23 -28.97 19.91
C LYS A 34 -26.68 -29.32 18.53
N PRO A 35 -26.69 -30.62 18.24
CA PRO A 35 -25.97 -31.14 17.08
C PRO A 35 -26.48 -30.59 15.75
N GLU A 36 -27.80 -30.42 15.62
CA GLU A 36 -28.41 -29.92 14.38
C GLU A 36 -27.88 -28.55 13.92
N ILE A 37 -27.28 -27.79 14.83
CA ILE A 37 -26.66 -26.51 14.44
C ILE A 37 -25.44 -26.74 13.55
N ALA A 38 -24.82 -27.90 13.70
CA ALA A 38 -23.58 -28.25 13.03
C ALA A 38 -23.63 -28.07 11.52
N MET A 39 -24.79 -28.31 10.91
CA MET A 39 -24.92 -28.20 9.43
C MET A 39 -25.83 -27.05 8.91
N THR A 40 -26.08 -26.08 9.79
CA THR A 40 -26.74 -24.82 9.40
C THR A 40 -25.81 -24.08 8.44
N HIS A 41 -26.35 -23.22 7.61
CA HIS A 41 -25.49 -22.30 6.85
C HIS A 41 -26.13 -20.93 6.70
N SER A 42 -25.31 -20.00 6.24
CA SER A 42 -25.79 -18.67 5.93
C SER A 42 -26.50 -18.07 7.14
N THR A 43 -27.73 -17.70 6.89
CA THR A 43 -28.47 -16.86 7.81
C THR A 43 -29.00 -17.72 8.97
N ILE A 44 -29.18 -19.02 8.71
CA ILE A 44 -29.64 -19.97 9.72
C ILE A 44 -28.55 -20.15 10.75
N THR A 45 -27.30 -20.23 10.31
CA THR A 45 -26.21 -20.25 11.27
C THR A 45 -26.25 -18.99 12.11
N MET A 46 -26.33 -17.83 11.45
CA MET A 46 -26.19 -16.61 12.20
C MET A 46 -27.38 -16.36 13.16
N GLY A 47 -28.57 -16.82 12.81
CA GLY A 47 -29.75 -16.69 13.63
C GLY A 47 -29.70 -17.69 14.77
N ALA A 48 -29.18 -18.89 14.50
CA ALA A 48 -28.92 -19.85 15.58
C ALA A 48 -27.94 -19.28 16.62
N GLU A 49 -26.85 -18.66 16.17
CA GLU A 49 -25.92 -17.98 17.07
C GLU A 49 -26.62 -16.89 17.88
N LEU A 50 -27.39 -16.04 17.20
CA LEU A 50 -28.00 -14.91 17.86
C LEU A 50 -28.93 -15.39 18.97
N LYS A 51 -29.66 -16.47 18.69
CA LYS A 51 -30.61 -17.03 19.61
C LYS A 51 -29.95 -17.86 20.73
N GLU A 52 -28.97 -18.69 20.40
CA GLU A 52 -28.45 -19.64 21.38
C GLU A 52 -27.34 -19.06 22.22
N LEU A 53 -26.69 -18.02 21.70
CA LEU A 53 -25.54 -17.40 22.35
C LEU A 53 -25.71 -15.92 22.71
N ALA A 54 -26.67 -15.23 22.10
CA ALA A 54 -26.79 -13.78 22.33
C ALA A 54 -28.12 -13.37 22.96
N GLY A 55 -28.95 -14.37 23.23
CA GLY A 55 -30.17 -14.17 24.01
C GLY A 55 -31.37 -13.71 23.19
N VAL A 56 -31.25 -13.72 21.85
CA VAL A 56 -32.35 -13.26 21.02
C VAL A 56 -33.38 -14.38 20.92
N ASP A 57 -34.41 -14.36 21.77
CA ASP A 57 -35.41 -15.45 21.81
C ASP A 57 -36.38 -15.49 20.63
N GLU A 58 -36.70 -14.32 20.08
CA GLU A 58 -37.69 -14.19 19.01
C GLU A 58 -37.05 -14.07 17.63
N VAL A 59 -37.17 -15.13 16.82
CA VAL A 59 -36.53 -15.17 15.52
C VAL A 59 -37.55 -15.67 14.52
N VAL A 60 -37.84 -14.85 13.49
CA VAL A 60 -38.62 -15.27 12.33
C VAL A 60 -37.74 -15.29 11.08
N VAL A 61 -37.88 -16.33 10.26
CA VAL A 61 -37.22 -16.35 8.97
C VAL A 61 -38.27 -16.25 7.90
N ALA A 62 -38.13 -15.28 7.01
CA ALA A 62 -39.00 -15.15 5.85
C ALA A 62 -38.22 -15.44 4.56
N ASP A 63 -38.78 -16.29 3.72
CA ASP A 63 -38.19 -16.59 2.40
C ASP A 63 -39.28 -17.21 1.57
N PRO A 64 -39.50 -16.75 0.33
CA PRO A 64 -40.56 -17.35 -0.51
C PRO A 64 -40.25 -18.83 -0.81
N VAL A 65 -38.96 -19.20 -0.71
CA VAL A 65 -38.57 -20.59 -0.95
C VAL A 65 -39.30 -21.61 -0.05
N PHE A 66 -39.68 -21.21 1.15
CA PHE A 66 -40.35 -22.14 2.07
C PHE A 66 -41.59 -22.80 1.49
N ASP A 67 -42.33 -22.08 0.64
CA ASP A 67 -43.49 -22.67 -0.05
C ASP A 67 -43.12 -23.28 -1.41
N ASN A 68 -41.86 -23.19 -1.79
CA ASN A 68 -41.41 -23.80 -3.04
C ASN A 68 -40.64 -25.08 -2.81
N GLN A 69 -39.49 -25.24 -3.44
CA GLN A 69 -38.73 -26.47 -3.29
C GLN A 69 -37.65 -26.28 -2.25
N PHE A 70 -38.05 -26.03 -1.01
CA PHE A 70 -37.10 -26.02 0.08
C PHE A 70 -36.70 -27.47 0.31
N THR A 71 -35.43 -27.78 0.05
CA THR A 71 -34.98 -29.16 0.08
C THR A 71 -33.93 -29.35 1.17
N VAL A 72 -34.21 -30.29 2.05
CA VAL A 72 -33.38 -30.58 3.18
C VAL A 72 -32.69 -31.90 2.90
N ILE A 73 -31.36 -31.88 2.87
CA ILE A 73 -30.56 -33.10 2.67
C ILE A 73 -30.29 -33.76 4.03
N ASP A 74 -30.77 -34.98 4.16
CA ASP A 74 -30.68 -35.70 5.42
C ASP A 74 -29.65 -36.85 5.36
N ASP A 75 -28.82 -36.84 4.32
CA ASP A 75 -27.84 -37.90 4.02
C ASP A 75 -26.69 -38.00 5.02
N PHE A 76 -26.44 -36.94 5.77
CA PHE A 76 -25.29 -36.87 6.67
C PHE A 76 -25.72 -36.70 8.10
N ALA A 77 -25.13 -37.49 9.00
CA ALA A 77 -25.41 -37.34 10.41
C ALA A 77 -24.60 -36.17 10.99
N TYR A 78 -25.27 -35.39 11.83
CA TYR A 78 -24.66 -34.22 12.47
C TYR A 78 -23.41 -34.58 13.25
N GLU A 79 -23.49 -35.70 13.97
CA GLU A 79 -22.42 -36.16 14.85
C GLU A 79 -21.15 -36.52 14.09
N ASP A 80 -21.30 -37.05 12.88
CA ASP A 80 -20.15 -37.33 12.04
C ASP A 80 -19.50 -36.07 11.52
N VAL A 81 -20.33 -35.09 11.15
CA VAL A 81 -19.81 -33.82 10.68
C VAL A 81 -19.00 -33.20 11.82
N ILE A 82 -19.63 -33.08 13.00
CA ILE A 82 -18.96 -32.53 14.19
C ILE A 82 -17.63 -33.26 14.46
N GLU A 83 -17.66 -34.60 14.35
CA GLU A 83 -16.48 -35.46 14.52
C GLU A 83 -15.35 -35.08 13.56
N ALA A 84 -15.67 -35.08 12.27
CA ALA A 84 -14.70 -34.72 11.22
C ALA A 84 -14.10 -33.30 11.38
N HIS A 85 -14.86 -32.36 11.91
CA HIS A 85 -14.32 -30.99 12.01
C HIS A 85 -13.33 -30.80 13.15
N LYS A 86 -13.31 -31.73 14.11
CA LYS A 86 -12.35 -31.66 15.22
C LYS A 86 -10.91 -31.71 14.74
N GLU A 87 -10.60 -32.66 13.85
CA GLU A 87 -9.23 -32.80 13.29
C GLU A 87 -9.11 -32.34 11.83
N ASP A 88 -9.95 -32.89 10.95
CA ASP A 88 -9.87 -32.59 9.52
C ASP A 88 -11.23 -32.63 8.80
N PRO A 89 -11.73 -31.45 8.43
CA PRO A 89 -13.06 -31.34 7.78
C PRO A 89 -13.10 -31.99 6.40
N GLU A 90 -11.96 -31.97 5.71
CA GLU A 90 -11.84 -32.60 4.40
C GLU A 90 -12.12 -34.12 4.40
N LYS A 91 -12.18 -34.75 5.57
CA LYS A 91 -12.60 -36.16 5.66
C LYS A 91 -14.11 -36.37 5.42
N ILE A 92 -14.87 -35.29 5.41
CA ILE A 92 -16.31 -35.37 5.14
C ILE A 92 -16.79 -34.35 4.10
N MET A 93 -16.20 -33.16 4.04
CA MET A 93 -16.61 -32.14 3.02
C MET A 93 -16.72 -32.64 1.54
N PRO A 94 -15.80 -33.47 1.05
CA PRO A 94 -15.93 -33.91 -0.35
C PRO A 94 -17.26 -34.61 -0.68
N GLN A 95 -17.66 -35.60 0.12
CA GLN A 95 -18.98 -36.24 -0.09
C GLN A 95 -20.14 -35.28 0.11
N ILE A 96 -20.04 -34.37 1.09
CA ILE A 96 -21.11 -33.39 1.27
C ILE A 96 -21.25 -32.61 -0.03
N ARG A 97 -20.15 -32.05 -0.51
CA ARG A 97 -20.10 -31.28 -1.76
C ARG A 97 -20.65 -32.07 -2.95
N GLU A 98 -20.24 -33.34 -3.09
CA GLU A 98 -20.73 -34.20 -4.17
C GLU A 98 -22.25 -34.35 -4.15
N LYS A 99 -22.81 -34.63 -2.97
CA LYS A 99 -24.26 -34.69 -2.80
C LYS A 99 -24.96 -33.37 -3.18
N VAL A 100 -24.46 -32.24 -2.67
CA VAL A 100 -25.03 -30.91 -2.99
C VAL A 100 -25.00 -30.58 -4.49
N ASN A 101 -23.82 -30.67 -5.12
CA ASN A 101 -23.70 -30.56 -6.60
C ASN A 101 -24.70 -31.38 -7.39
N GLU A 102 -24.89 -32.66 -7.04
CA GLU A 102 -25.91 -33.51 -7.64
C GLU A 102 -27.32 -32.90 -7.59
N VAL A 103 -27.75 -32.58 -6.38
CA VAL A 103 -29.09 -32.05 -6.14
C VAL A 103 -29.27 -30.68 -6.82
N ALA A 104 -28.22 -29.85 -6.79
CA ALA A 104 -28.19 -28.55 -7.45
C ALA A 104 -28.31 -28.61 -8.98
N LYS A 105 -27.85 -29.71 -9.60
CA LYS A 105 -27.89 -29.84 -11.06
C LYS A 105 -29.28 -29.55 -11.60
N GLU A 106 -30.31 -30.03 -10.90
CA GLU A 106 -31.69 -30.00 -11.36
C GLU A 106 -32.56 -29.03 -10.57
N LEU A 107 -32.18 -28.78 -9.31
CA LEU A 107 -32.98 -27.91 -8.45
C LEU A 107 -32.91 -26.48 -8.98
N PRO A 108 -34.05 -25.80 -9.08
CA PRO A 108 -34.01 -24.39 -9.54
C PRO A 108 -33.37 -23.50 -8.49
N LYS A 109 -32.91 -22.33 -8.92
CA LYS A 109 -32.27 -21.37 -8.02
C LYS A 109 -33.27 -20.72 -7.08
N PRO A 110 -32.80 -20.13 -5.99
CA PRO A 110 -33.68 -19.38 -5.08
C PRO A 110 -34.34 -18.23 -5.84
N PRO A 111 -35.57 -17.82 -5.47
CA PRO A 111 -36.35 -18.36 -4.36
C PRO A 111 -37.22 -19.56 -4.74
N GLU A 112 -36.89 -20.21 -5.86
CA GLU A 112 -37.64 -21.38 -6.33
C GLU A 112 -37.17 -22.68 -5.64
N GLY A 113 -35.87 -22.77 -5.39
CA GLY A 113 -35.31 -23.93 -4.70
C GLY A 113 -34.14 -23.46 -3.87
N ALA A 114 -33.89 -24.16 -2.75
CA ALA A 114 -32.76 -23.86 -1.87
C ALA A 114 -32.34 -25.16 -1.19
N ILE A 115 -31.05 -25.27 -0.92
CA ILE A 115 -30.52 -26.50 -0.31
C ILE A 115 -30.06 -26.22 1.12
N HIS A 116 -30.66 -26.93 2.07
CA HIS A 116 -30.19 -26.93 3.46
C HIS A 116 -30.07 -28.40 3.99
N PHE A 117 -29.44 -28.54 5.15
CA PHE A 117 -29.28 -29.81 5.86
C PHE A 117 -30.03 -29.79 7.18
N THR A 118 -30.43 -28.61 7.65
CA THR A 118 -31.32 -28.54 8.82
C THR A 118 -32.38 -27.45 8.66
N HIS A 119 -33.63 -27.90 8.73
CA HIS A 119 -34.75 -27.00 8.57
C HIS A 119 -34.77 -25.97 9.70
N PRO A 120 -34.93 -24.70 9.35
CA PRO A 120 -34.97 -23.66 10.37
C PRO A 120 -36.06 -23.88 11.45
N GLU A 121 -37.14 -24.59 11.12
CA GLU A 121 -38.18 -24.97 12.12
C GLU A 121 -37.69 -25.85 13.28
N ASP A 122 -36.68 -26.66 13.02
CA ASP A 122 -36.11 -27.56 14.00
C ASP A 122 -35.32 -26.81 15.06
N LEU A 123 -35.03 -25.54 14.80
CA LEU A 123 -34.26 -24.69 15.72
C LEU A 123 -35.17 -23.69 16.45
N GLY A 124 -36.47 -23.93 16.32
CA GLY A 124 -37.51 -23.10 16.93
C GLY A 124 -37.65 -21.68 16.39
N PHE A 125 -37.32 -21.46 15.12
CA PHE A 125 -37.62 -20.19 14.44
C PHE A 125 -39.05 -20.21 13.91
N GLU A 126 -39.74 -19.08 13.99
CA GLU A 126 -40.95 -18.93 13.19
C GLU A 126 -40.57 -18.96 11.71
N ILE A 127 -41.36 -19.61 10.87
CA ILE A 127 -41.08 -19.54 9.47
C ILE A 127 -42.28 -19.03 8.70
N THR A 128 -42.01 -18.14 7.75
CA THR A 128 -43.05 -17.54 6.95
C THR A 128 -42.56 -17.25 5.51
N THR A 129 -43.51 -16.86 4.68
CA THR A 129 -43.32 -16.62 3.27
C THR A 129 -43.57 -15.13 3.04
N ASP A 130 -44.14 -14.50 4.05
CA ASP A 130 -44.55 -13.09 4.02
C ASP A 130 -43.53 -12.17 4.71
N ASP A 131 -42.77 -11.43 3.92
CA ASP A 131 -41.76 -10.50 4.46
C ASP A 131 -42.43 -9.45 5.33
N ARG A 132 -43.61 -8.98 4.90
CA ARG A 132 -44.32 -7.92 5.61
C ARG A 132 -44.69 -8.38 7.00
N GLU A 133 -45.07 -9.65 7.10
CA GLU A 133 -45.44 -10.25 8.36
C GLU A 133 -44.22 -10.35 9.27
N ALA A 134 -43.10 -10.77 8.71
CA ALA A 134 -41.90 -11.00 9.50
C ALA A 134 -41.33 -9.72 10.14
N VAL A 135 -41.37 -8.60 9.40
CA VAL A 135 -40.73 -7.35 9.85
C VAL A 135 -41.60 -6.57 10.86
N ALA A 136 -42.91 -6.85 10.85
CA ALA A 136 -43.83 -6.18 11.76
C ALA A 136 -43.32 -6.34 13.19
N ASP A 137 -43.02 -5.19 13.81
CA ASP A 137 -42.53 -5.10 15.18
C ASP A 137 -41.09 -5.59 15.39
N ALA A 138 -40.35 -5.83 14.30
CA ALA A 138 -38.97 -6.33 14.41
C ALA A 138 -38.00 -5.23 14.82
N ASP A 139 -37.05 -5.55 15.69
CA ASP A 139 -36.04 -4.56 16.10
C ASP A 139 -34.78 -4.60 15.26
N PHE A 140 -34.50 -5.77 14.69
CA PHE A 140 -33.28 -6.10 13.96
C PHE A 140 -33.82 -6.85 12.75
N ILE A 141 -33.73 -6.22 11.58
CA ILE A 141 -34.03 -6.91 10.32
C ILE A 141 -32.73 -7.26 9.57
N MET A 142 -32.46 -8.56 9.39
CA MET A 142 -31.25 -9.04 8.73
C MET A 142 -31.64 -9.40 7.31
N THR A 143 -31.18 -8.67 6.30
CA THR A 143 -31.54 -9.03 4.92
C THR A 143 -30.38 -9.83 4.33
N TRP A 144 -30.74 -10.73 3.42
CA TRP A 144 -29.83 -11.69 2.82
C TRP A 144 -30.40 -11.99 1.42
N PHE A 145 -30.38 -10.98 0.54
CA PHE A 145 -31.09 -11.07 -0.74
C PHE A 145 -30.15 -11.30 -1.93
N PRO A 146 -30.67 -11.69 -3.10
CA PRO A 146 -29.83 -11.86 -4.31
C PRO A 146 -29.06 -10.57 -4.69
N LYS A 147 -27.86 -10.72 -5.25
CA LYS A 147 -27.08 -9.60 -5.80
C LYS A 147 -27.89 -8.97 -6.93
N GLY A 148 -27.91 -7.64 -7.04
CA GLY A 148 -28.47 -6.95 -8.23
C GLY A 148 -29.77 -6.18 -8.08
N ASP A 149 -30.54 -6.09 -9.17
CA ASP A 149 -31.69 -5.18 -9.31
C ASP A 149 -32.97 -5.55 -8.54
N MET A 150 -33.02 -6.77 -8.02
CA MET A 150 -34.20 -7.24 -7.27
C MET A 150 -34.33 -6.67 -5.87
N GLN A 151 -33.21 -6.29 -5.23
CA GLN A 151 -33.25 -5.83 -3.81
C GLN A 151 -34.24 -4.70 -3.57
N PRO A 152 -34.18 -3.62 -4.36
CA PRO A 152 -35.19 -2.56 -4.28
C PRO A 152 -36.62 -3.11 -4.40
N ASP A 153 -36.86 -4.01 -5.34
CA ASP A 153 -38.20 -4.64 -5.52
C ASP A 153 -38.63 -5.46 -4.31
N ILE A 154 -37.69 -6.23 -3.78
CA ILE A 154 -37.95 -6.98 -2.57
C ILE A 154 -38.23 -6.01 -1.38
N ILE A 155 -37.35 -5.04 -1.17
CA ILE A 155 -37.48 -4.10 -0.05
C ILE A 155 -38.74 -3.23 -0.07
N ASN A 156 -39.07 -2.62 -1.20
CA ASN A 156 -40.26 -1.76 -1.30
C ASN A 156 -41.57 -2.42 -0.95
N LYS A 157 -41.61 -3.75 -1.00
CA LYS A 157 -42.80 -4.50 -0.60
C LYS A 157 -43.08 -4.45 0.91
N PHE A 158 -42.06 -4.19 1.72
CA PHE A 158 -42.25 -4.18 3.17
C PHE A 158 -41.65 -2.98 3.89
N ILE A 159 -41.05 -2.07 3.14
CA ILE A 159 -40.32 -0.93 3.73
C ILE A 159 -41.23 -0.05 4.62
N ASP A 160 -42.50 0.07 4.23
CA ASP A 160 -43.52 0.79 5.02
C ASP A 160 -43.92 0.05 6.30
N ASP A 161 -43.68 -1.27 6.34
CA ASP A 161 -44.01 -2.06 7.52
C ASP A 161 -42.87 -2.06 8.56
N ILE A 162 -41.84 -1.27 8.31
CA ILE A 162 -40.65 -1.31 9.16
C ILE A 162 -40.79 -0.38 10.38
N LYS A 163 -40.71 -0.98 11.57
CA LYS A 163 -40.71 -0.29 12.84
C LYS A 163 -39.68 0.84 12.85
N PRO A 164 -40.13 2.07 13.12
CA PRO A 164 -39.23 3.23 13.22
C PRO A 164 -38.07 2.92 14.17
N GLY A 165 -36.86 3.36 13.80
CA GLY A 165 -35.69 3.12 14.64
C GLY A 165 -35.07 1.75 14.54
N ALA A 166 -35.71 0.85 13.79
CA ALA A 166 -35.24 -0.51 13.66
C ALA A 166 -33.81 -0.52 13.14
N ILE A 167 -33.08 -1.59 13.46
CA ILE A 167 -31.77 -1.79 12.88
C ILE A 167 -31.94 -2.71 11.66
N VAL A 168 -31.40 -2.29 10.52
CA VAL A 168 -31.64 -3.01 9.25
C VAL A 168 -30.30 -3.24 8.60
N THR A 169 -30.03 -4.48 8.20
CA THR A 169 -28.67 -4.79 7.76
C THR A 169 -28.68 -5.54 6.43
N HIS A 170 -27.53 -5.46 5.78
CA HIS A 170 -27.26 -6.14 4.55
C HIS A 170 -25.96 -6.97 4.72
N ALA A 171 -25.75 -7.88 3.81
CA ALA A 171 -24.50 -8.62 3.81
C ALA A 171 -23.80 -8.47 2.42
N CYS A 172 -23.17 -9.52 1.90
CA CYS A 172 -22.14 -9.31 0.85
C CYS A 172 -22.71 -8.94 -0.51
N THR A 173 -24.00 -9.07 -0.62
CA THR A 173 -24.66 -9.08 -1.90
C THR A 173 -25.01 -7.62 -2.38
N ILE A 174 -24.73 -6.60 -1.56
CA ILE A 174 -25.01 -5.18 -1.89
C ILE A 174 -24.09 -4.22 -1.13
N PRO A 175 -23.58 -3.16 -1.77
CA PRO A 175 -22.74 -2.19 -1.04
C PRO A 175 -23.61 -1.42 -0.05
N THR A 176 -23.07 -0.96 1.09
CA THR A 176 -23.87 -0.15 2.04
C THR A 176 -24.59 1.06 1.43
N THR A 177 -23.88 1.81 0.56
CA THR A 177 -24.42 3.04 -0.02
C THR A 177 -25.67 2.72 -0.85
N LYS A 178 -25.58 1.70 -1.72
CA LYS A 178 -26.74 1.29 -2.53
C LYS A 178 -27.93 0.77 -1.66
N PHE A 179 -27.59 0.05 -0.59
CA PHE A 179 -28.62 -0.44 0.34
C PHE A 179 -29.34 0.76 0.94
N TYR A 180 -28.57 1.67 1.50
CA TYR A 180 -29.07 2.87 2.14
C TYR A 180 -29.93 3.68 1.18
N LYS A 181 -29.54 3.76 -0.11
CA LYS A 181 -30.30 4.59 -1.08
C LYS A 181 -31.71 4.10 -1.34
N ILE A 182 -31.95 2.80 -1.17
CA ILE A 182 -33.28 2.21 -1.24
C ILE A 182 -34.19 2.84 -0.18
N PHE A 183 -33.76 2.82 1.09
CA PHE A 183 -34.50 3.44 2.19
C PHE A 183 -34.61 4.94 2.02
N GLU A 184 -33.54 5.54 1.52
CA GLU A 184 -33.54 6.98 1.24
C GLU A 184 -34.62 7.41 0.24
N GLN A 185 -34.98 6.54 -0.70
CA GLN A 185 -36.12 6.80 -1.59
C GLN A 185 -37.39 7.13 -0.81
N LYS A 186 -37.60 6.45 0.31
CA LYS A 186 -38.85 6.64 1.07
C LYS A 186 -38.78 7.70 2.17
N HIS A 187 -37.72 8.52 2.18
CA HIS A 187 -37.53 9.55 3.22
C HIS A 187 -38.59 10.65 3.19
N GLY A 188 -39.22 10.92 4.33
CA GLY A 188 -40.23 11.99 4.43
C GLY A 188 -41.63 11.45 4.71
N ASP A 189 -41.72 10.12 4.69
CA ASP A 189 -42.90 9.36 5.09
C ASP A 189 -43.22 9.69 6.54
N LEU A 190 -44.42 10.20 6.76
CA LEU A 190 -44.82 10.76 8.06
C LEU A 190 -45.05 9.68 9.12
N VAL A 191 -45.54 8.52 8.71
CA VAL A 191 -45.90 7.45 9.64
C VAL A 191 -44.78 6.43 9.80
N THR A 192 -44.07 6.14 8.71
CA THR A 192 -43.03 5.12 8.78
C THR A 192 -41.64 5.69 9.13
N LYS A 193 -41.49 7.01 8.97
CA LYS A 193 -40.23 7.74 9.20
C LYS A 193 -38.96 6.91 8.95
N PRO A 194 -38.72 6.50 7.70
CA PRO A 194 -37.54 5.69 7.38
C PRO A 194 -36.20 6.40 7.61
N GLU A 195 -36.20 7.74 7.74
CA GLU A 195 -34.99 8.49 8.10
C GLU A 195 -34.45 8.13 9.48
N THR A 196 -35.31 7.59 10.35
CA THR A 196 -34.91 7.12 11.66
C THR A 196 -34.30 5.70 11.65
N LEU A 197 -34.27 5.04 10.50
CA LEU A 197 -33.84 3.66 10.46
C LEU A 197 -32.35 3.65 10.72
N ASN A 198 -31.85 2.55 11.31
CA ASN A 198 -30.44 2.41 11.54
C ASN A 198 -29.88 1.40 10.55
N VAL A 199 -29.25 1.94 9.53
CA VAL A 199 -28.83 1.14 8.40
C VAL A 199 -27.36 0.80 8.51
N THR A 200 -27.07 -0.49 8.43
CA THR A 200 -25.69 -0.93 8.56
C THR A 200 -25.53 -2.33 7.96
N SER A 201 -24.48 -3.03 8.32
CA SER A 201 -24.21 -4.36 7.74
C SER A 201 -24.10 -5.44 8.82
N TYR A 202 -24.35 -6.69 8.43
CA TYR A 202 -24.06 -7.81 9.30
C TYR A 202 -23.39 -8.83 8.41
N HIS A 203 -22.19 -8.46 7.96
CA HIS A 203 -21.59 -9.10 6.78
C HIS A 203 -20.54 -10.07 7.33
N PRO A 204 -20.67 -11.35 7.03
CA PRO A 204 -19.78 -12.36 7.66
C PRO A 204 -18.41 -12.45 6.97
N GLY A 205 -18.27 -11.77 5.84
CA GLY A 205 -16.99 -11.71 5.13
C GLY A 205 -16.41 -13.09 4.76
N ALA A 206 -17.27 -14.08 4.55
CA ALA A 206 -16.96 -15.51 4.44
C ALA A 206 -18.33 -16.19 4.52
N VAL A 207 -18.45 -17.48 4.23
CA VAL A 207 -19.68 -18.15 4.59
C VAL A 207 -19.72 -18.32 6.11
N PRO A 208 -20.85 -17.95 6.73
CA PRO A 208 -20.86 -17.81 8.19
C PRO A 208 -20.67 -19.18 8.89
N GLU A 209 -21.06 -20.27 8.24
CA GLU A 209 -20.92 -21.60 8.83
C GLU A 209 -19.44 -22.03 8.91
N MET A 210 -18.57 -21.36 8.16
CA MET A 210 -17.13 -21.61 8.25
C MET A 210 -16.36 -20.75 9.28
N LYS A 211 -16.70 -19.47 9.36
CA LYS A 211 -15.88 -18.49 10.09
C LYS A 211 -16.76 -17.71 11.04
N GLY A 212 -16.29 -17.55 12.28
CA GLY A 212 -17.02 -16.83 13.31
C GLY A 212 -16.52 -15.40 13.29
N GLN A 213 -17.17 -14.54 12.48
CA GLN A 213 -16.78 -13.13 12.33
C GLN A 213 -17.94 -12.36 11.69
N VAL A 214 -17.98 -11.04 11.91
CA VAL A 214 -18.99 -10.20 11.29
C VAL A 214 -18.48 -8.75 11.17
N TYR A 215 -18.84 -8.08 10.09
CA TYR A 215 -18.29 -6.80 9.78
C TYR A 215 -19.46 -5.85 9.76
N ILE A 216 -19.36 -4.76 10.53
CA ILE A 216 -20.50 -3.86 10.80
C ILE A 216 -20.18 -2.45 10.31
N ALA A 217 -20.85 -2.00 9.26
CA ALA A 217 -20.49 -0.72 8.60
C ALA A 217 -21.06 0.50 9.32
N GLU A 218 -20.19 1.48 9.49
CA GLU A 218 -20.54 2.72 10.12
C GLU A 218 -20.72 3.81 9.06
N GLY A 219 -21.58 4.76 9.40
CA GLY A 219 -21.80 5.96 8.56
C GLY A 219 -23.28 6.32 8.41
N TYR A 220 -24.17 5.36 8.60
CA TYR A 220 -25.61 5.55 8.39
C TYR A 220 -26.45 5.20 9.61
N ALA A 221 -25.88 4.54 10.60
CA ALA A 221 -26.71 4.20 11.76
C ALA A 221 -26.29 5.09 12.93
N SER A 222 -27.07 5.15 14.01
CA SER A 222 -26.59 5.86 15.19
C SER A 222 -25.45 5.11 15.89
N GLU A 223 -24.70 5.87 16.66
CA GLU A 223 -23.66 5.34 17.57
C GLU A 223 -24.23 4.17 18.38
N ASP A 224 -25.42 4.38 18.97
CA ASP A 224 -26.08 3.37 19.82
C ASP A 224 -26.38 2.08 19.10
N ALA A 225 -26.90 2.19 17.88
CA ALA A 225 -27.25 1.03 17.09
C ALA A 225 -25.99 0.26 16.71
N ILE A 226 -24.90 0.98 16.44
CA ILE A 226 -23.69 0.30 16.08
C ILE A 226 -23.19 -0.50 17.30
N GLU A 227 -23.14 0.20 18.44
CA GLU A 227 -22.77 -0.40 19.71
C GLU A 227 -23.59 -1.65 20.00
N THR A 228 -24.92 -1.53 19.92
CA THR A 228 -25.79 -2.70 20.13
C THR A 228 -25.47 -3.87 19.19
N LEU A 229 -25.34 -3.57 17.90
CA LEU A 229 -25.07 -4.63 16.91
C LEU A 229 -23.67 -5.23 17.13
N PHE A 230 -22.70 -4.38 17.43
CA PHE A 230 -21.38 -4.83 17.76
C PHE A 230 -21.38 -5.82 18.94
N GLU A 231 -22.07 -5.47 20.02
CA GLU A 231 -22.17 -6.35 21.19
C GLU A 231 -22.87 -7.67 20.86
N LEU A 232 -24.01 -7.58 20.15
CA LEU A 232 -24.68 -8.78 19.69
C LEU A 232 -23.75 -9.64 18.81
N GLY A 233 -23.08 -9.02 17.84
CA GLY A 233 -22.20 -9.71 16.86
C GLY A 233 -21.01 -10.41 17.53
N GLN A 234 -20.36 -9.70 18.46
CA GLN A 234 -19.28 -10.26 19.21
C GLN A 234 -19.70 -11.54 19.99
N LYS A 235 -20.82 -11.48 20.72
CA LYS A 235 -21.39 -12.67 21.38
C LYS A 235 -21.78 -13.79 20.42
N ALA A 236 -22.47 -13.44 19.33
CA ALA A 236 -23.02 -14.43 18.43
C ALA A 236 -21.96 -15.03 17.50
N ARG A 237 -21.07 -14.21 16.96
CA ARG A 237 -20.16 -14.66 15.89
C ARG A 237 -18.77 -14.86 16.45
N GLY A 238 -18.52 -14.35 17.65
CA GLY A 238 -17.18 -14.49 18.25
C GLY A 238 -16.25 -13.31 18.01
N ASN A 239 -16.16 -12.89 16.75
CA ASN A 239 -15.29 -11.76 16.36
C ASN A 239 -16.20 -10.73 15.71
N ALA A 240 -16.09 -9.48 16.13
CA ALA A 240 -16.89 -8.45 15.47
C ALA A 240 -15.98 -7.30 15.11
N TYR A 241 -16.25 -6.70 13.96
CA TYR A 241 -15.45 -5.59 13.49
C TYR A 241 -16.40 -4.51 12.99
N ARG A 242 -16.27 -3.33 13.56
CA ARG A 242 -17.06 -2.23 13.06
C ARG A 242 -16.10 -1.31 12.31
N LEU A 243 -16.55 -0.82 11.16
CA LEU A 243 -15.65 -0.05 10.31
C LEU A 243 -16.44 0.90 9.41
N PRO A 244 -15.80 1.94 8.91
CA PRO A 244 -16.48 2.87 7.98
C PRO A 244 -17.06 2.08 6.79
N ALA A 245 -18.33 2.31 6.49
CA ALA A 245 -18.99 1.74 5.29
C ALA A 245 -18.09 1.75 4.05
N GLU A 246 -17.28 2.80 3.91
CA GLU A 246 -16.43 3.00 2.73
C GLU A 246 -15.33 1.96 2.70
N LEU A 247 -15.01 1.35 3.85
CA LEU A 247 -14.00 0.29 3.88
C LEU A 247 -14.57 -1.14 3.86
N LEU A 248 -15.88 -1.28 3.92
CA LEU A 248 -16.46 -2.61 3.89
C LEU A 248 -15.95 -3.44 2.67
N GLY A 249 -16.20 -2.94 1.46
CA GLY A 249 -15.70 -3.48 0.21
C GLY A 249 -14.19 -3.74 0.19
N PRO A 250 -13.38 -2.73 0.47
CA PRO A 250 -11.92 -2.97 0.52
C PRO A 250 -11.49 -4.05 1.50
N VAL A 251 -12.27 -4.23 2.59
CA VAL A 251 -11.87 -5.18 3.64
C VAL A 251 -12.37 -6.58 3.30
N CYS A 252 -13.58 -6.68 2.73
CA CYS A 252 -14.28 -7.95 2.57
C CYS A 252 -14.21 -8.53 1.15
N ASP A 253 -13.97 -7.69 0.14
CA ASP A 253 -14.05 -8.16 -1.23
C ASP A 253 -12.70 -8.63 -1.71
N MET A 254 -12.59 -8.92 -2.99
CA MET A 254 -11.38 -9.55 -3.57
C MET A 254 -10.11 -8.75 -3.37
N CYS A 255 -10.26 -7.43 -3.20
CA CYS A 255 -9.12 -6.52 -2.88
C CYS A 255 -8.62 -6.55 -1.43
N SER A 256 -9.26 -7.39 -0.61
CA SER A 256 -8.90 -7.54 0.82
C SER A 256 -7.42 -7.81 0.92
N ALA A 257 -6.89 -8.66 0.04
CA ALA A 257 -5.41 -8.89 -0.02
C ALA A 257 -4.58 -7.63 -0.10
N LEU A 258 -4.95 -6.71 -0.99
CA LEU A 258 -4.17 -5.48 -1.16
C LEU A 258 -4.37 -4.51 0.01
N THR A 259 -5.61 -4.39 0.49
CA THR A 259 -5.88 -3.58 1.68
C THR A 259 -5.01 -4.10 2.87
N ALA A 260 -4.98 -5.40 3.07
CA ALA A 260 -4.11 -6.01 4.13
C ALA A 260 -2.64 -5.62 4.02
N ILE A 261 -2.10 -5.73 2.82
CA ILE A 261 -0.69 -5.53 2.60
C ILE A 261 -0.38 -4.06 2.85
N THR A 262 -1.23 -3.20 2.29
CA THR A 262 -1.00 -1.75 2.40
C THR A 262 -1.15 -1.25 3.83
N TYR A 263 -2.16 -1.76 4.52
CA TYR A 263 -2.42 -1.35 5.91
C TYR A 263 -1.23 -1.78 6.79
N ALA A 264 -0.82 -3.06 6.67
CA ALA A 264 0.41 -3.56 7.34
C ALA A 264 1.60 -2.66 7.03
N GLY A 265 1.77 -2.33 5.74
CA GLY A 265 2.80 -1.39 5.35
C GLY A 265 2.74 -0.07 6.08
N ILE A 266 1.55 0.55 6.06
CA ILE A 266 1.37 1.89 6.62
C ILE A 266 1.75 1.85 8.10
N LEU A 267 1.31 0.78 8.78
CA LEU A 267 1.53 0.68 10.23
C LEU A 267 2.99 0.46 10.55
N SER A 268 3.67 -0.34 9.75
CA SER A 268 5.04 -0.67 10.05
C SER A 268 5.92 0.56 9.81
N TYR A 269 5.64 1.21 8.68
CA TYR A 269 6.30 2.43 8.29
C TYR A 269 6.15 3.48 9.38
N ARG A 270 4.92 3.68 9.83
CA ARG A 270 4.64 4.67 10.84
C ARG A 270 5.53 4.40 12.06
N ASP A 271 5.57 3.17 12.52
CA ASP A 271 6.37 2.87 13.73
C ASP A 271 7.86 3.04 13.51
N SER A 272 8.36 2.57 12.38
CA SER A 272 9.77 2.76 12.12
C SER A 272 10.11 4.26 12.19
N VAL A 273 9.21 5.12 11.68
CA VAL A 273 9.40 6.58 11.74
C VAL A 273 9.27 7.17 13.13
N THR A 274 8.21 6.84 13.85
CA THR A 274 7.91 7.52 15.11
C THR A 274 8.71 6.99 16.27
N GLN A 275 8.89 5.67 16.30
CA GLN A 275 9.62 5.04 17.41
C GLN A 275 11.13 5.16 17.22
N VAL A 276 11.60 5.24 15.97
CA VAL A 276 13.05 5.32 15.79
C VAL A 276 13.63 6.61 15.16
N LEU A 277 12.79 7.53 14.71
CA LEU A 277 13.28 8.88 14.34
C LEU A 277 12.76 9.97 15.29
N GLY A 278 11.73 9.65 16.07
CA GLY A 278 11.27 10.51 17.16
C GLY A 278 10.42 11.68 16.72
N ALA A 279 9.92 11.59 15.49
CA ALA A 279 9.10 12.58 14.81
C ALA A 279 7.61 12.43 15.15
N PRO A 280 6.87 13.52 15.17
CA PRO A 280 5.40 13.44 15.32
C PRO A 280 4.76 12.61 14.22
N ALA A 281 3.66 11.96 14.57
CA ALA A 281 2.88 11.17 13.68
C ALA A 281 2.47 11.90 12.36
N SER A 282 2.26 13.21 12.44
CA SER A 282 2.00 14.04 11.26
C SER A 282 3.14 14.06 10.25
N PHE A 283 4.38 14.04 10.73
CA PHE A 283 5.48 13.92 9.79
C PHE A 283 5.43 12.58 9.01
N ALA A 284 5.19 11.47 9.68
CA ALA A 284 4.99 10.21 8.96
C ALA A 284 3.77 10.23 8.01
N GLN A 285 2.63 10.75 8.49
CA GLN A 285 1.42 10.86 7.67
C GLN A 285 1.65 11.62 6.33
N MET A 286 2.32 12.76 6.39
CA MET A 286 2.58 13.60 5.22
C MET A 286 3.33 12.80 4.18
N MET A 287 4.33 12.05 4.63
CA MET A 287 5.15 11.21 3.75
C MET A 287 4.31 10.10 3.21
N ALA A 288 3.55 9.47 4.10
CA ALA A 288 2.72 8.35 3.66
C ALA A 288 1.69 8.77 2.64
N LYS A 289 1.12 9.97 2.77
CA LYS A 289 0.06 10.40 1.89
C LYS A 289 0.58 10.59 0.44
N GLU A 290 1.69 11.31 0.31
CA GLU A 290 2.37 11.49 -0.96
C GLU A 290 2.74 10.13 -1.61
N SER A 291 3.32 9.24 -0.84
CA SER A 291 3.67 7.94 -1.39
C SER A 291 2.43 7.11 -1.89
N LEU A 292 1.40 6.99 -1.06
CA LEU A 292 0.19 6.28 -1.46
C LEU A 292 -0.51 6.95 -2.68
N GLU A 293 -0.62 8.27 -2.64
CA GLU A 293 -1.35 8.97 -3.67
C GLU A 293 -0.67 8.85 -5.01
N GLN A 294 0.65 8.94 -5.01
CA GLN A 294 1.45 8.91 -6.24
C GLN A 294 1.57 7.50 -6.87
N ILE A 295 1.74 6.47 -6.04
CA ILE A 295 1.74 5.09 -6.57
C ILE A 295 0.32 4.80 -7.14
N THR A 296 -0.71 5.25 -6.44
CA THR A 296 -2.09 5.08 -6.94
C THR A 296 -2.31 5.79 -8.26
N ALA A 297 -1.78 7.02 -8.38
CA ALA A 297 -2.00 7.82 -9.60
C ALA A 297 -1.19 7.26 -10.79
N LEU A 298 -0.01 6.75 -10.52
CA LEU A 298 0.76 6.09 -11.57
C LEU A 298 -0.07 4.91 -12.11
N MET A 299 -0.64 4.14 -11.19
CA MET A 299 -1.43 2.96 -11.59
C MET A 299 -2.61 3.35 -12.53
N GLU A 300 -3.32 4.40 -12.15
CA GLU A 300 -4.44 4.93 -12.95
C GLU A 300 -3.98 5.54 -14.25
N LYS A 301 -2.85 6.24 -14.19
CA LYS A 301 -2.25 6.87 -15.33
C LYS A 301 -1.81 5.88 -16.43
N VAL A 302 -0.98 4.88 -16.06
CA VAL A 302 -0.41 4.02 -17.12
C VAL A 302 -1.10 2.67 -17.23
N GLY A 303 -1.92 2.32 -16.25
CA GLY A 303 -2.51 0.97 -16.20
C GLY A 303 -1.68 0.08 -15.26
N ILE A 304 -2.41 -0.71 -14.45
CA ILE A 304 -1.82 -1.68 -13.53
C ILE A 304 -0.85 -2.66 -14.25
N ASP A 305 -1.18 -3.03 -15.49
CA ASP A 305 -0.36 -3.93 -16.31
C ASP A 305 0.92 -3.29 -16.87
N LYS A 306 1.06 -1.98 -16.80
CA LYS A 306 2.24 -1.32 -17.40
C LYS A 306 3.09 -0.53 -16.41
N MET A 307 2.84 -0.69 -15.13
CA MET A 307 3.60 0.01 -14.10
C MET A 307 5.12 -0.22 -14.18
N GLU A 308 5.54 -1.48 -14.35
CA GLU A 308 7.00 -1.80 -14.44
C GLU A 308 7.70 -1.11 -15.61
N GLU A 309 7.02 -0.89 -16.74
CA GLU A 309 7.64 -0.10 -17.81
C GLU A 309 7.82 1.38 -17.43
N ASN A 310 7.16 1.87 -16.37
CA ASN A 310 7.31 3.25 -15.94
C ASN A 310 8.07 3.44 -14.62
N LEU A 311 7.99 2.45 -13.75
CA LEU A 311 8.79 2.45 -12.53
C LEU A 311 9.32 1.03 -12.34
N ASP A 312 10.61 0.88 -12.64
CA ASP A 312 11.40 -0.32 -12.36
C ASP A 312 11.26 -0.73 -10.89
N PRO A 313 10.66 -1.88 -10.64
CA PRO A 313 10.56 -2.38 -9.29
C PRO A 313 11.95 -2.36 -8.60
N GLY A 314 13.01 -2.55 -9.39
CA GLY A 314 14.38 -2.45 -8.87
C GLY A 314 14.75 -1.07 -8.35
N ALA A 315 13.98 -0.04 -8.70
CA ALA A 315 14.25 1.33 -8.23
C ALA A 315 14.20 1.45 -6.71
N LEU A 316 13.32 0.66 -6.11
CA LEU A 316 13.11 0.68 -4.67
C LEU A 316 14.15 -0.03 -3.82
N LEU A 317 14.97 -0.90 -4.43
CA LEU A 317 15.97 -1.64 -3.66
C LEU A 317 17.10 -0.76 -3.14
N GLY A 318 17.48 0.25 -3.90
CA GLY A 318 18.64 1.08 -3.51
C GLY A 318 18.29 2.25 -2.60
N THR A 319 17.00 2.41 -2.31
CA THR A 319 16.53 3.50 -1.42
C THR A 319 15.85 2.96 -0.17
N ALA A 320 14.89 2.04 -0.35
CA ALA A 320 14.14 1.49 0.77
C ALA A 320 15.03 0.69 1.77
N ASP A 321 16.18 0.19 1.31
CA ASP A 321 17.04 -0.57 2.22
C ASP A 321 17.59 0.31 3.35
N SER A 322 17.63 1.64 3.15
CA SER A 322 18.03 2.59 4.21
C SER A 322 16.96 2.65 5.31
N MET A 323 15.77 2.13 5.01
CA MET A 323 14.65 2.20 5.91
C MET A 323 14.35 0.86 6.55
N ASN A 324 15.26 -0.08 6.37
CA ASN A 324 15.03 -1.43 6.82
C ASN A 324 15.39 -1.59 8.30
N PHE A 325 14.65 -0.91 9.18
CA PHE A 325 14.90 -0.94 10.63
C PHE A 325 13.56 -0.79 11.33
N GLY A 326 13.50 -1.12 12.63
CA GLY A 326 12.24 -1.00 13.37
C GLY A 326 11.16 -1.92 12.82
N ALA A 327 9.90 -1.55 12.99
CA ALA A 327 8.82 -2.39 12.52
C ALA A 327 8.90 -2.71 11.02
N SER A 328 9.45 -1.81 10.22
CA SER A 328 9.52 -2.05 8.77
C SER A 328 10.43 -3.24 8.47
N ALA A 329 11.35 -3.56 9.37
CA ALA A 329 12.24 -4.74 9.18
C ALA A 329 11.48 -6.07 9.17
N GLU A 330 10.24 -6.06 9.64
CA GLU A 330 9.40 -7.26 9.67
C GLU A 330 8.87 -7.60 8.28
N ILE A 331 8.76 -6.61 7.42
CA ILE A 331 8.12 -6.81 6.14
C ILE A 331 9.06 -6.55 4.97
N LEU A 332 9.96 -5.58 5.10
CA LEU A 332 10.89 -5.22 4.03
C LEU A 332 11.72 -6.37 3.40
N PRO A 333 12.33 -7.28 4.21
CA PRO A 333 13.10 -8.37 3.57
C PRO A 333 12.26 -9.17 2.55
N THR A 334 11.02 -9.43 2.88
CA THR A 334 10.12 -10.15 1.97
C THR A 334 9.84 -9.32 0.73
N VAL A 335 9.66 -8.02 0.93
CA VAL A 335 9.41 -7.08 -0.15
C VAL A 335 10.66 -6.97 -1.06
N PHE A 336 11.85 -6.88 -0.46
CA PHE A 336 13.06 -6.91 -1.27
C PHE A 336 13.15 -8.16 -2.15
N GLU A 337 12.84 -9.35 -1.63
CA GLU A 337 12.86 -10.58 -2.49
C GLU A 337 11.92 -10.45 -3.73
N ILE A 338 10.71 -9.96 -3.49
CA ILE A 338 9.71 -9.80 -4.54
C ILE A 338 10.16 -8.79 -5.62
N LEU A 339 10.62 -7.62 -5.18
CA LEU A 339 11.07 -6.59 -6.11
C LEU A 339 12.30 -7.00 -6.93
N GLU A 340 13.26 -7.64 -6.24
CA GLU A 340 14.43 -8.32 -6.85
C GLU A 340 14.05 -9.26 -7.99
N LYS A 341 13.08 -10.15 -7.77
CA LYS A 341 12.57 -11.02 -8.85
C LYS A 341 12.04 -10.21 -10.05
N ARG A 342 11.50 -9.03 -9.79
CA ARG A 342 10.69 -8.33 -10.78
C ARG A 342 11.41 -7.20 -11.51
N LYS A 343 12.60 -6.86 -11.05
CA LYS A 343 13.30 -5.69 -11.59
C LYS A 343 13.63 -5.85 -13.08
N LYS A 344 13.90 -4.73 -13.76
CA LYS A 344 14.23 -4.73 -15.19
C LYS A 344 15.57 -5.42 -15.46
N MET B 1 31.29 16.26 -24.85
CA MET B 1 30.32 17.25 -24.30
C MET B 1 30.79 17.89 -23.00
N LYS B 2 30.30 19.10 -22.72
CA LYS B 2 30.68 19.87 -21.55
C LYS B 2 29.72 19.65 -20.39
N LEU B 3 30.26 19.18 -19.27
CA LEU B 3 29.50 19.03 -18.06
C LEU B 3 29.95 20.08 -17.06
N ALA B 4 29.00 20.89 -16.57
CA ALA B 4 29.31 21.82 -15.49
C ALA B 4 28.76 21.26 -14.18
N ILE B 5 29.65 20.96 -13.23
CA ILE B 5 29.25 20.56 -11.88
C ILE B 5 29.25 21.80 -11.00
N LEU B 6 28.06 22.09 -10.47
CA LEU B 6 27.87 23.30 -9.68
C LEU B 6 27.58 22.84 -8.26
N GLY B 7 28.62 22.89 -7.44
CA GLY B 7 28.55 22.40 -6.10
C GLY B 7 29.39 21.15 -6.02
N ALA B 8 30.48 21.23 -5.26
CA ALA B 8 31.31 20.04 -4.99
C ALA B 8 30.87 19.16 -3.79
N GLY B 9 30.02 19.66 -2.89
CA GLY B 9 29.58 18.86 -1.72
C GLY B 9 30.53 18.92 -0.54
N CYS B 10 30.05 18.54 0.63
CA CYS B 10 30.92 18.43 1.82
C CYS B 10 30.74 17.05 2.44
N TYR B 11 31.82 16.49 2.97
CA TYR B 11 31.73 15.15 3.52
C TYR B 11 31.17 15.06 4.95
N ARG B 12 31.11 16.20 5.66
CA ARG B 12 30.78 16.23 7.11
C ARG B 12 29.48 15.50 7.53
N THR B 13 28.40 15.65 6.76
CA THR B 13 27.15 14.99 7.13
C THR B 13 27.18 13.52 6.74
N HIS B 14 28.03 13.15 5.78
CA HIS B 14 28.13 11.74 5.44
C HIS B 14 28.81 11.03 6.61
N ALA B 15 29.87 11.65 7.14
CA ALA B 15 30.61 11.12 8.27
C ALA B 15 29.78 11.14 9.54
N ALA B 16 29.13 12.27 9.80
CA ALA B 16 28.25 12.41 10.97
C ALA B 16 27.06 11.43 10.99
N SER B 17 26.58 11.02 9.82
CA SER B 17 25.52 9.99 9.74
C SER B 17 25.97 8.61 10.28
N GLY B 18 27.27 8.32 10.20
CA GLY B 18 27.83 7.14 10.83
C GLY B 18 27.61 5.85 10.06
N ILE B 19 26.97 5.95 8.90
CA ILE B 19 26.53 4.74 8.22
C ILE B 19 26.87 4.67 6.73
N THR B 20 27.82 5.49 6.27
CA THR B 20 28.18 5.51 4.86
C THR B 20 29.60 5.01 4.65
N ASN B 21 29.90 4.60 3.42
CA ASN B 21 31.26 4.22 3.06
C ASN B 21 31.54 4.62 1.63
N PHE B 22 32.67 4.15 1.09
CA PHE B 22 33.06 4.46 -0.28
C PHE B 22 32.94 3.30 -1.27
N SER B 23 32.04 2.35 -1.00
CA SER B 23 31.98 1.12 -1.81
C SER B 23 31.99 1.38 -3.32
N ARG B 24 31.22 2.37 -3.74
CA ARG B 24 31.08 2.63 -5.17
C ARG B 24 32.30 3.34 -5.67
N ALA B 25 32.77 4.32 -4.89
CA ALA B 25 33.94 5.09 -5.29
C ALA B 25 35.14 4.16 -5.44
N CYS B 26 35.33 3.27 -4.45
CA CYS B 26 36.41 2.27 -4.50
C CYS B 26 36.29 1.38 -5.73
N GLU B 27 35.06 0.94 -5.99
CA GLU B 27 34.74 0.10 -7.13
C GLU B 27 35.21 0.72 -8.44
N VAL B 28 34.86 1.99 -8.69
CA VAL B 28 35.26 2.60 -9.96
C VAL B 28 36.75 3.01 -10.00
N ALA B 29 37.36 3.21 -8.82
CA ALA B 29 38.79 3.46 -8.77
C ALA B 29 39.51 2.28 -9.42
N GLU B 30 39.14 1.07 -9.00
CA GLU B 30 39.65 -0.19 -9.57
C GLU B 30 39.32 -0.32 -11.05
N MET B 31 38.07 -0.04 -11.42
CA MET B 31 37.63 -0.17 -12.81
C MET B 31 38.51 0.61 -13.78
N VAL B 32 38.96 1.80 -13.37
CA VAL B 32 39.78 2.65 -14.25
C VAL B 32 41.26 2.77 -13.86
N GLY B 33 41.66 2.07 -12.79
CA GLY B 33 43.06 2.04 -12.34
C GLY B 33 43.53 3.40 -11.84
N LYS B 34 42.74 4.01 -10.98
CA LYS B 34 43.00 5.36 -10.49
C LYS B 34 42.59 5.46 -9.03
N PRO B 35 43.53 5.18 -8.13
CA PRO B 35 43.20 4.98 -6.73
C PRO B 35 42.60 6.22 -6.06
N GLU B 36 42.96 7.40 -6.56
CA GLU B 36 42.45 8.67 -6.03
C GLU B 36 40.92 8.83 -6.15
N ILE B 37 40.31 8.04 -7.01
CA ILE B 37 38.85 8.10 -7.15
C ILE B 37 38.19 7.49 -5.91
N ALA B 38 38.92 6.57 -5.28
CA ALA B 38 38.45 5.81 -4.11
C ALA B 38 37.84 6.63 -2.99
N MET B 39 38.27 7.88 -2.85
CA MET B 39 37.88 8.74 -1.73
C MET B 39 37.21 10.03 -2.18
N THR B 40 36.80 10.09 -3.45
CA THR B 40 35.89 11.14 -3.90
C THR B 40 34.53 10.96 -3.21
N HIS B 41 33.77 12.04 -3.08
CA HIS B 41 32.38 11.91 -2.62
C HIS B 41 31.48 12.82 -3.40
N SER B 42 30.20 12.64 -3.15
CA SER B 42 29.19 13.51 -3.70
C SER B 42 29.40 13.62 -5.20
N THR B 43 29.45 14.85 -5.63
CA THR B 43 29.42 15.24 -7.01
C THR B 43 30.76 14.97 -7.72
N ILE B 44 31.83 14.87 -6.93
CA ILE B 44 33.17 14.53 -7.46
C ILE B 44 33.21 13.06 -7.90
N THR B 45 32.63 12.17 -7.11
CA THR B 45 32.45 10.78 -7.54
C THR B 45 31.69 10.71 -8.87
N MET B 46 30.50 11.30 -8.91
CA MET B 46 29.68 11.27 -10.12
C MET B 46 30.36 11.90 -11.34
N GLY B 47 31.21 12.90 -11.11
CA GLY B 47 32.00 13.54 -12.16
C GLY B 47 33.12 12.63 -12.64
N ALA B 48 33.79 11.96 -11.70
CA ALA B 48 34.78 10.98 -12.02
C ALA B 48 34.18 9.89 -12.92
N GLU B 49 33.05 9.34 -12.50
CA GLU B 49 32.38 8.30 -13.28
C GLU B 49 31.97 8.76 -14.68
N LEU B 50 31.45 9.97 -14.81
CA LEU B 50 31.04 10.46 -16.13
C LEU B 50 32.20 10.73 -17.09
N LYS B 51 33.36 11.10 -16.54
CA LYS B 51 34.53 11.35 -17.34
C LYS B 51 35.16 10.02 -17.73
N GLU B 52 35.35 9.13 -16.75
CA GLU B 52 36.13 7.91 -16.91
C GLU B 52 35.34 6.68 -17.34
N LEU B 53 34.01 6.72 -17.26
CA LEU B 53 33.22 5.55 -17.73
C LEU B 53 32.28 5.89 -18.87
N ALA B 54 31.75 7.11 -18.85
CA ALA B 54 30.78 7.53 -19.87
C ALA B 54 31.42 8.37 -20.98
N GLY B 55 32.70 8.73 -20.81
CA GLY B 55 33.46 9.44 -21.84
C GLY B 55 33.17 10.93 -22.01
N VAL B 56 32.59 11.58 -20.99
CA VAL B 56 32.40 13.04 -21.01
C VAL B 56 33.77 13.76 -20.95
N ASP B 57 34.10 14.49 -22.02
CA ASP B 57 35.46 15.04 -22.21
C ASP B 57 35.83 16.15 -21.21
N GLU B 58 35.02 17.20 -21.18
CA GLU B 58 35.29 18.39 -20.38
C GLU B 58 34.42 18.45 -19.11
N VAL B 59 35.06 18.61 -17.96
CA VAL B 59 34.38 18.75 -16.68
C VAL B 59 34.91 19.94 -15.86
N VAL B 60 34.02 20.90 -15.60
CA VAL B 60 34.27 22.00 -14.70
C VAL B 60 33.48 21.77 -13.42
N VAL B 61 34.09 22.12 -12.30
CA VAL B 61 33.37 22.21 -11.03
C VAL B 61 33.32 23.66 -10.61
N ALA B 62 32.12 24.13 -10.26
CA ALA B 62 32.04 25.48 -9.69
C ALA B 62 31.52 25.40 -8.27
N ASP B 63 32.24 26.05 -7.36
CA ASP B 63 31.84 26.15 -5.96
C ASP B 63 32.58 27.32 -5.35
N PRO B 64 31.88 28.19 -4.60
CA PRO B 64 32.61 29.24 -3.88
C PRO B 64 33.65 28.68 -2.90
N VAL B 65 33.47 27.45 -2.40
CA VAL B 65 34.41 26.92 -1.39
C VAL B 65 35.84 26.89 -1.83
N PHE B 66 36.09 26.72 -3.13
CA PHE B 66 37.48 26.60 -3.61
C PHE B 66 38.32 27.76 -3.15
N ASP B 67 37.81 28.97 -3.31
CA ASP B 67 38.53 30.19 -2.89
C ASP B 67 38.40 30.45 -1.38
N ASN B 68 37.67 29.58 -0.67
CA ASN B 68 37.53 29.70 0.79
C ASN B 68 38.32 28.63 1.54
N GLN B 69 37.67 27.89 2.44
CA GLN B 69 38.38 26.90 3.26
C GLN B 69 38.11 25.47 2.77
N PHE B 70 38.60 25.17 1.57
CA PHE B 70 38.40 23.86 0.97
C PHE B 70 39.47 22.96 1.57
N THR B 71 39.07 22.05 2.46
CA THR B 71 40.07 21.23 3.12
C THR B 71 40.12 19.82 2.53
N VAL B 72 41.33 19.41 2.14
CA VAL B 72 41.59 18.04 1.74
C VAL B 72 42.24 17.32 2.92
N ILE B 73 41.59 16.25 3.38
CA ILE B 73 42.20 15.39 4.39
C ILE B 73 43.08 14.30 3.75
N ASP B 74 44.38 14.39 3.98
CA ASP B 74 45.36 13.50 3.38
C ASP B 74 45.87 12.41 4.33
N ASP B 75 45.16 12.21 5.44
CA ASP B 75 45.56 11.24 6.48
C ASP B 75 45.57 9.81 6.00
N PHE B 76 44.58 9.45 5.20
CA PHE B 76 44.39 8.06 4.81
C PHE B 76 44.91 7.82 3.40
N ALA B 77 45.72 6.77 3.24
CA ALA B 77 46.15 6.32 1.94
C ALA B 77 44.92 5.83 1.17
N TYR B 78 44.85 6.17 -0.12
CA TYR B 78 43.80 5.75 -1.02
C TYR B 78 43.68 4.24 -1.07
N GLU B 79 44.83 3.57 -0.98
CA GLU B 79 44.94 2.13 -1.15
C GLU B 79 44.52 1.34 0.09
N ASP B 80 44.63 1.95 1.27
CA ASP B 80 44.17 1.28 2.48
C ASP B 80 42.65 1.32 2.50
N VAL B 81 42.09 2.40 1.99
CA VAL B 81 40.64 2.53 1.85
C VAL B 81 40.11 1.50 0.85
N ILE B 82 40.75 1.43 -0.32
CA ILE B 82 40.37 0.50 -1.39
C ILE B 82 40.41 -0.94 -0.86
N GLU B 83 41.40 -1.21 -0.01
CA GLU B 83 41.63 -2.53 0.55
C GLU B 83 40.54 -2.95 1.51
N ALA B 84 40.21 -2.09 2.47
CA ALA B 84 39.27 -2.45 3.52
C ALA B 84 37.89 -2.68 2.91
N HIS B 85 37.58 -1.94 1.85
CA HIS B 85 36.32 -2.11 1.12
C HIS B 85 36.25 -3.39 0.28
N LYS B 86 37.25 -4.25 0.33
CA LYS B 86 37.06 -5.55 -0.31
C LYS B 86 36.48 -6.54 0.68
N GLU B 87 37.00 -6.56 1.91
CA GLU B 87 36.52 -7.44 2.95
C GLU B 87 35.41 -6.78 3.75
N ASP B 88 35.75 -5.73 4.48
CA ASP B 88 34.82 -5.08 5.41
C ASP B 88 35.22 -3.61 5.57
N PRO B 89 34.33 -2.68 5.20
CA PRO B 89 34.63 -1.24 5.28
C PRO B 89 34.70 -0.67 6.72
N GLU B 90 34.04 -1.35 7.67
CA GLU B 90 34.01 -0.95 9.08
C GLU B 90 35.33 -1.15 9.86
N LYS B 91 36.35 -1.70 9.19
CA LYS B 91 37.70 -1.70 9.75
C LYS B 91 38.29 -0.29 9.72
N ILE B 92 37.90 0.49 8.71
CA ILE B 92 38.49 1.81 8.46
C ILE B 92 37.49 3.01 8.55
N MET B 93 36.19 2.75 8.38
CA MET B 93 35.20 3.85 8.38
C MET B 93 35.13 4.63 9.72
N PRO B 94 35.18 3.96 10.86
CA PRO B 94 35.21 4.68 12.15
C PRO B 94 36.30 5.76 12.29
N GLN B 95 37.52 5.49 11.87
CA GLN B 95 38.58 6.50 12.03
C GLN B 95 38.42 7.64 11.04
N ILE B 96 38.05 7.32 9.81
CA ILE B 96 37.70 8.34 8.84
C ILE B 96 36.60 9.23 9.44
N ARG B 97 35.52 8.60 9.91
CA ARG B 97 34.45 9.31 10.59
C ARG B 97 35.02 10.17 11.70
N GLU B 98 35.75 9.55 12.62
CA GLU B 98 36.29 10.26 13.78
C GLU B 98 37.10 11.51 13.39
N LYS B 99 37.94 11.37 12.37
CA LYS B 99 38.80 12.46 11.91
C LYS B 99 37.97 13.58 11.27
N VAL B 100 37.03 13.20 10.39
CA VAL B 100 36.14 14.19 9.77
C VAL B 100 35.37 15.01 10.81
N ASN B 101 34.80 14.32 11.80
CA ASN B 101 34.06 14.97 12.90
C ASN B 101 34.86 16.00 13.68
N GLU B 102 36.13 15.68 13.96
CA GLU B 102 36.99 16.63 14.66
C GLU B 102 37.26 17.87 13.81
N VAL B 103 37.47 17.67 12.51
CA VAL B 103 37.79 18.78 11.60
C VAL B 103 36.53 19.61 11.38
N ALA B 104 35.39 18.93 11.37
CA ALA B 104 34.09 19.58 11.17
C ALA B 104 33.60 20.33 12.41
N LYS B 105 34.20 20.07 13.57
CA LYS B 105 33.81 20.79 14.78
C LYS B 105 34.01 22.30 14.65
N GLU B 106 35.14 22.69 14.07
CA GLU B 106 35.50 24.10 13.95
C GLU B 106 35.24 24.70 12.56
N LEU B 107 35.26 23.86 11.53
CA LEU B 107 35.18 24.30 10.14
C LEU B 107 33.80 24.85 9.77
N PRO B 108 33.72 26.08 9.28
CA PRO B 108 32.43 26.62 8.83
C PRO B 108 31.74 25.70 7.81
N LYS B 109 30.42 25.82 7.72
CA LYS B 109 29.64 25.03 6.77
C LYS B 109 29.82 25.57 5.35
N PRO B 110 29.58 24.75 4.34
CA PRO B 110 29.64 25.24 2.95
C PRO B 110 28.69 26.43 2.77
N PRO B 111 29.03 27.41 1.91
CA PRO B 111 30.17 27.46 1.00
C PRO B 111 31.45 28.05 1.59
N GLU B 112 31.50 28.19 2.92
CA GLU B 112 32.68 28.71 3.60
C GLU B 112 33.74 27.63 3.91
N GLY B 113 33.30 26.43 4.24
CA GLY B 113 34.21 25.30 4.41
C GLY B 113 33.62 24.07 3.76
N ALA B 114 34.46 23.12 3.37
CA ALA B 114 33.99 21.83 2.84
C ALA B 114 35.12 20.82 3.04
N ILE B 115 34.74 19.58 3.32
CA ILE B 115 35.70 18.53 3.57
C ILE B 115 35.74 17.51 2.42
N HIS B 116 36.93 17.30 1.89
CA HIS B 116 37.19 16.34 0.82
C HIS B 116 38.47 15.59 1.12
N PHE B 117 38.64 14.46 0.43
CA PHE B 117 39.85 13.64 0.55
C PHE B 117 40.64 13.58 -0.75
N THR B 118 40.01 13.93 -1.87
CA THR B 118 40.78 14.18 -3.09
C THR B 118 40.36 15.46 -3.80
N HIS B 119 41.35 16.31 -4.10
CA HIS B 119 41.04 17.54 -4.76
C HIS B 119 40.57 17.25 -6.17
N PRO B 120 39.47 17.86 -6.61
CA PRO B 120 38.96 17.68 -7.96
C PRO B 120 39.98 18.03 -9.09
N GLU B 121 40.98 18.85 -8.78
CA GLU B 121 42.09 19.15 -9.70
C GLU B 121 42.95 17.94 -10.08
N ASP B 122 43.11 17.01 -9.13
CA ASP B 122 43.87 15.78 -9.30
C ASP B 122 43.17 14.80 -10.23
N LEU B 123 41.90 15.07 -10.52
CA LEU B 123 41.07 14.20 -11.35
C LEU B 123 41.02 14.74 -12.76
N GLY B 124 41.69 15.87 -12.99
CA GLY B 124 41.71 16.52 -14.30
C GLY B 124 40.48 17.37 -14.59
N PHE B 125 39.78 17.77 -13.52
CA PHE B 125 38.68 18.71 -13.65
C PHE B 125 39.21 20.15 -13.63
N GLU B 126 38.68 20.99 -14.52
CA GLU B 126 38.73 22.43 -14.35
C GLU B 126 38.00 22.77 -13.05
N ILE B 127 38.61 23.62 -12.23
CA ILE B 127 37.95 24.09 -11.02
C ILE B 127 37.70 25.59 -11.15
N THR B 128 36.53 26.06 -10.77
CA THR B 128 36.23 27.49 -10.83
C THR B 128 35.34 27.97 -9.68
N THR B 129 35.29 29.28 -9.51
CA THR B 129 34.55 29.92 -8.45
C THR B 129 33.34 30.68 -9.05
N ASP B 130 33.36 30.81 -10.38
CA ASP B 130 32.36 31.56 -11.14
C ASP B 130 31.39 30.59 -11.79
N ASP B 131 30.20 30.50 -11.23
CA ASP B 131 29.11 29.70 -11.78
C ASP B 131 28.86 30.07 -13.24
N ARG B 132 28.77 31.36 -13.51
CA ARG B 132 28.44 31.89 -14.83
C ARG B 132 29.45 31.42 -15.86
N GLU B 133 30.73 31.48 -15.50
CA GLU B 133 31.81 30.97 -16.33
C GLU B 133 31.69 29.48 -16.59
N ALA B 134 31.32 28.74 -15.55
CA ALA B 134 31.24 27.28 -15.63
C ALA B 134 30.14 26.79 -16.59
N VAL B 135 29.02 27.51 -16.65
CA VAL B 135 27.83 27.07 -17.43
C VAL B 135 27.82 27.47 -18.93
N ALA B 136 28.57 28.52 -19.29
CA ALA B 136 28.71 28.91 -20.70
C ALA B 136 29.11 27.68 -21.52
N ASP B 137 28.29 27.34 -22.52
CA ASP B 137 28.50 26.18 -23.40
C ASP B 137 28.38 24.78 -22.79
N ALA B 138 27.91 24.71 -21.55
CA ALA B 138 27.63 23.42 -20.95
C ALA B 138 26.39 22.82 -21.59
N ASP B 139 26.48 21.53 -21.88
CA ASP B 139 25.34 20.74 -22.38
C ASP B 139 24.57 20.08 -21.24
N PHE B 140 25.24 19.93 -20.11
CA PHE B 140 24.75 19.15 -18.97
C PHE B 140 25.21 19.90 -17.73
N ILE B 141 24.26 20.50 -17.02
CA ILE B 141 24.55 21.22 -15.81
C ILE B 141 24.04 20.38 -14.62
N MET B 142 24.96 19.95 -13.78
CA MET B 142 24.64 19.16 -12.61
C MET B 142 24.65 20.08 -11.38
N THR B 143 23.48 20.42 -10.86
CA THR B 143 23.43 21.28 -9.67
C THR B 143 23.35 20.43 -8.39
N TRP B 144 24.00 20.93 -7.34
CA TRP B 144 24.16 20.23 -6.07
C TRP B 144 24.17 21.31 -4.98
N PHE B 145 23.04 21.97 -4.80
CA PHE B 145 22.98 23.19 -3.97
C PHE B 145 22.40 22.93 -2.58
N PRO B 146 22.66 23.79 -1.58
CA PRO B 146 22.05 23.56 -0.26
C PRO B 146 20.51 23.55 -0.31
N LYS B 147 19.90 22.88 0.66
CA LYS B 147 18.44 22.84 0.72
C LYS B 147 17.89 24.22 1.07
N GLY B 148 16.70 24.53 0.53
CA GLY B 148 15.95 25.72 0.92
C GLY B 148 16.06 26.89 -0.05
N ASP B 149 15.97 28.10 0.51
CA ASP B 149 15.67 29.31 -0.25
C ASP B 149 16.82 29.95 -1.02
N MET B 150 18.03 29.44 -0.84
CA MET B 150 19.19 29.99 -1.56
C MET B 150 19.27 29.53 -3.03
N GLN B 151 18.59 28.44 -3.38
CA GLN B 151 18.68 27.91 -4.77
C GLN B 151 18.22 28.88 -5.87
N PRO B 152 17.04 29.50 -5.70
CA PRO B 152 16.64 30.50 -6.68
C PRO B 152 17.70 31.60 -6.77
N ASP B 153 18.15 32.11 -5.63
CA ASP B 153 19.22 33.12 -5.59
C ASP B 153 20.50 32.67 -6.26
N ILE B 154 20.88 31.42 -6.05
CA ILE B 154 22.06 30.89 -6.67
C ILE B 154 21.88 30.73 -8.20
N ILE B 155 20.77 30.13 -8.59
CA ILE B 155 20.45 29.90 -9.99
C ILE B 155 20.24 31.19 -10.79
N ASN B 156 19.48 32.14 -10.26
CA ASN B 156 19.14 33.37 -10.98
C ASN B 156 20.35 34.16 -11.46
N LYS B 157 21.53 33.87 -10.91
CA LYS B 157 22.77 34.55 -11.32
C LYS B 157 23.18 34.11 -12.74
N PHE B 158 23.11 32.80 -13.00
CA PHE B 158 23.73 32.22 -14.18
C PHE B 158 22.73 31.65 -15.16
N ILE B 159 21.44 31.80 -14.85
CA ILE B 159 20.35 31.23 -15.66
C ILE B 159 20.31 31.80 -17.08
N ASP B 160 20.64 33.08 -17.20
CA ASP B 160 20.72 33.74 -18.51
C ASP B 160 21.93 33.27 -19.32
N ASP B 161 22.95 32.78 -18.62
CA ASP B 161 24.14 32.22 -19.28
C ASP B 161 23.95 30.77 -19.72
N ILE B 162 22.82 30.16 -19.38
CA ILE B 162 22.64 28.72 -19.67
C ILE B 162 22.34 28.50 -21.14
N LYS B 163 23.11 27.60 -21.77
CA LYS B 163 22.97 27.29 -23.19
C LYS B 163 21.59 26.68 -23.50
N PRO B 164 20.91 27.19 -24.53
CA PRO B 164 19.55 26.71 -24.87
C PRO B 164 19.50 25.19 -25.11
N GLY B 165 18.46 24.52 -24.62
CA GLY B 165 18.37 23.07 -24.73
C GLY B 165 19.36 22.26 -23.88
N ALA B 166 20.11 22.91 -23.00
CA ALA B 166 21.01 22.17 -22.10
C ALA B 166 20.18 21.29 -21.18
N ILE B 167 20.75 20.17 -20.75
CA ILE B 167 20.19 19.36 -19.66
C ILE B 167 20.60 19.99 -18.34
N VAL B 168 19.61 20.23 -17.47
CA VAL B 168 19.85 20.88 -16.16
C VAL B 168 19.26 20.00 -15.06
N THR B 169 20.10 19.58 -14.11
CA THR B 169 19.65 18.59 -13.14
C THR B 169 19.73 19.06 -11.69
N HIS B 170 18.90 18.47 -10.85
CA HIS B 170 18.98 18.62 -9.41
C HIS B 170 19.16 17.24 -8.75
N ALA B 171 19.52 17.29 -7.47
CA ALA B 171 19.63 16.13 -6.60
C ALA B 171 18.66 16.21 -5.38
N CYS B 172 19.07 15.67 -4.23
CA CYS B 172 18.12 15.34 -3.14
C CYS B 172 17.60 16.59 -2.46
N THR B 173 18.23 17.69 -2.78
CA THR B 173 18.11 18.88 -1.99
C THR B 173 16.92 19.80 -2.40
N ILE B 174 16.15 19.41 -3.41
CA ILE B 174 14.98 20.22 -3.88
C ILE B 174 14.08 19.29 -4.70
N PRO B 175 12.75 19.40 -4.59
CA PRO B 175 11.90 18.57 -5.47
C PRO B 175 11.94 19.09 -6.91
N THR B 176 11.69 18.23 -7.91
CA THR B 176 11.73 18.65 -9.31
C THR B 176 10.85 19.87 -9.62
N THR B 177 9.58 19.85 -9.18
CA THR B 177 8.64 20.93 -9.53
C THR B 177 9.11 22.27 -9.00
N LYS B 178 9.58 22.30 -7.77
CA LYS B 178 10.17 23.53 -7.25
C LYS B 178 11.44 23.97 -8.04
N PHE B 179 12.23 23.00 -8.55
CA PHE B 179 13.43 23.29 -9.33
C PHE B 179 12.96 23.86 -10.68
N TYR B 180 12.04 23.16 -11.34
CA TYR B 180 11.42 23.69 -12.56
C TYR B 180 10.90 25.12 -12.43
N LYS B 181 10.09 25.41 -11.41
CA LYS B 181 9.49 26.76 -11.23
C LYS B 181 10.49 27.91 -11.24
N ILE B 182 11.72 27.66 -10.80
CA ILE B 182 12.80 28.67 -10.86
C ILE B 182 13.11 29.01 -12.32
N PHE B 183 13.18 28.00 -13.19
CA PHE B 183 13.41 28.26 -14.62
C PHE B 183 12.14 28.86 -15.23
N GLU B 184 10.98 28.33 -14.82
CA GLU B 184 9.68 28.82 -15.27
C GLU B 184 9.43 30.31 -15.04
N GLN B 185 10.01 30.85 -13.97
CA GLN B 185 10.01 32.30 -13.70
C GLN B 185 10.44 33.14 -14.91
N LYS B 186 11.38 32.60 -15.69
CA LYS B 186 12.00 33.37 -16.77
C LYS B 186 11.47 33.04 -18.19
N HIS B 187 10.56 32.08 -18.32
CA HIS B 187 9.94 31.74 -19.61
C HIS B 187 9.39 33.00 -20.26
N GLY B 188 9.79 33.24 -21.52
CA GLY B 188 9.37 34.41 -22.28
C GLY B 188 10.54 35.21 -22.80
N ASP B 189 11.72 34.95 -22.23
CA ASP B 189 12.99 35.58 -22.65
C ASP B 189 13.44 34.99 -24.00
N LEU B 190 13.52 35.86 -25.01
CA LEU B 190 13.76 35.44 -26.39
C LEU B 190 15.25 35.22 -26.66
N VAL B 191 16.09 35.84 -25.85
CA VAL B 191 17.54 35.87 -26.07
C VAL B 191 18.24 34.53 -25.70
N THR B 192 17.73 33.84 -24.68
CA THR B 192 18.29 32.53 -24.32
C THR B 192 17.27 31.38 -24.30
N LYS B 193 15.99 31.74 -24.21
CA LYS B 193 14.86 30.80 -24.18
C LYS B 193 14.99 29.66 -23.15
N PRO B 194 14.62 29.95 -21.90
CA PRO B 194 14.70 28.94 -20.84
C PRO B 194 13.60 27.90 -20.96
N GLU B 195 12.57 28.18 -21.75
CA GLU B 195 11.52 27.21 -22.02
C GLU B 195 12.05 26.00 -22.83
N THR B 196 13.20 26.17 -23.46
CA THR B 196 13.86 25.10 -24.23
C THR B 196 14.75 24.22 -23.36
N LEU B 197 14.97 24.65 -22.11
CA LEU B 197 15.77 23.84 -21.17
C LEU B 197 15.13 22.47 -20.87
N ASN B 198 15.97 21.46 -20.72
CA ASN B 198 15.55 20.13 -20.31
C ASN B 198 15.85 19.91 -18.82
N VAL B 199 14.80 20.07 -18.03
CA VAL B 199 14.98 20.08 -16.59
C VAL B 199 14.66 18.67 -16.08
N THR B 200 15.57 18.13 -15.30
CA THR B 200 15.40 16.79 -14.77
C THR B 200 16.24 16.64 -13.48
N SER B 201 16.44 15.40 -13.06
CA SER B 201 17.28 15.08 -11.92
C SER B 201 18.43 14.09 -12.24
N TYR B 202 19.46 14.14 -11.41
CA TYR B 202 20.52 13.18 -11.39
C TYR B 202 20.70 12.81 -9.91
N HIS B 203 19.70 12.16 -9.32
CA HIS B 203 19.61 12.06 -7.88
C HIS B 203 20.14 10.66 -7.52
N PRO B 204 21.09 10.61 -6.60
CA PRO B 204 21.77 9.37 -6.31
C PRO B 204 20.99 8.48 -5.36
N GLY B 205 19.97 9.02 -4.69
CA GLY B 205 19.18 8.24 -3.73
C GLY B 205 19.98 7.63 -2.55
N ALA B 206 21.13 8.21 -2.22
CA ALA B 206 22.10 7.64 -1.28
C ALA B 206 23.30 8.54 -1.51
N VAL B 207 24.32 8.51 -0.64
CA VAL B 207 25.55 9.19 -0.98
C VAL B 207 26.22 8.42 -2.16
N PRO B 208 26.58 9.18 -3.19
CA PRO B 208 27.03 8.63 -4.49
C PRO B 208 28.28 7.75 -4.39
N GLU B 209 29.15 8.05 -3.42
CA GLU B 209 30.39 7.32 -3.21
C GLU B 209 30.12 5.95 -2.63
N MET B 210 28.90 5.74 -2.15
CA MET B 210 28.54 4.47 -1.52
C MET B 210 27.81 3.49 -2.44
N LYS B 211 26.78 3.99 -3.14
CA LYS B 211 25.94 3.14 -3.97
C LYS B 211 26.00 3.64 -5.41
N GLY B 212 26.18 2.72 -6.34
CA GLY B 212 26.15 3.05 -7.77
C GLY B 212 24.73 3.06 -8.32
N GLN B 213 24.08 4.23 -8.33
CA GLN B 213 22.70 4.33 -8.84
C GLN B 213 22.35 5.78 -9.09
N VAL B 214 21.41 6.01 -9.99
CA VAL B 214 20.89 7.35 -10.22
C VAL B 214 19.42 7.34 -10.56
N TYR B 215 18.72 8.41 -10.19
CA TYR B 215 17.30 8.55 -10.44
C TYR B 215 16.99 9.79 -11.28
N ILE B 216 16.29 9.58 -12.40
CA ILE B 216 16.09 10.61 -13.43
C ILE B 216 14.58 10.92 -13.59
N ALA B 217 14.17 12.10 -13.14
CA ALA B 217 12.75 12.55 -13.17
C ALA B 217 12.28 12.90 -14.58
N GLU B 218 11.20 12.28 -15.00
CA GLU B 218 10.52 12.63 -16.23
C GLU B 218 9.36 13.62 -15.95
N GLY B 219 8.99 14.39 -16.98
CA GLY B 219 7.82 15.28 -16.93
C GLY B 219 8.11 16.69 -17.47
N TYR B 220 9.35 17.13 -17.37
CA TYR B 220 9.74 18.42 -17.89
C TYR B 220 10.60 18.39 -19.13
N ALA B 221 11.54 17.45 -19.17
CA ALA B 221 12.51 17.38 -20.28
C ALA B 221 11.88 16.73 -21.47
N SER B 222 12.52 16.87 -22.63
CA SER B 222 12.09 16.09 -23.79
C SER B 222 12.54 14.65 -23.61
N GLU B 223 11.90 13.77 -24.37
CA GLU B 223 12.19 12.35 -24.33
C GLU B 223 13.65 12.08 -24.69
N ASP B 224 14.15 12.76 -25.71
CA ASP B 224 15.56 12.67 -26.14
C ASP B 224 16.54 12.96 -25.00
N ALA B 225 16.31 14.07 -24.32
CA ALA B 225 17.17 14.46 -23.21
C ALA B 225 17.14 13.42 -22.08
N ILE B 226 15.97 12.84 -21.84
CA ILE B 226 15.89 11.81 -20.81
C ILE B 226 16.72 10.59 -21.22
N GLU B 227 16.53 10.11 -22.47
CA GLU B 227 17.27 8.94 -22.97
C GLU B 227 18.78 9.10 -22.88
N THR B 228 19.30 10.23 -23.38
CA THR B 228 20.72 10.62 -23.24
C THR B 228 21.19 10.56 -21.80
N LEU B 229 20.48 11.23 -20.89
CA LEU B 229 20.86 11.18 -19.48
C LEU B 229 20.85 9.75 -18.93
N PHE B 230 19.78 9.02 -19.22
CA PHE B 230 19.67 7.64 -18.81
C PHE B 230 20.87 6.84 -19.30
N GLU B 231 21.21 6.98 -20.58
CA GLU B 231 22.37 6.25 -21.14
C GLU B 231 23.68 6.62 -20.40
N LEU B 232 23.96 7.92 -20.27
CA LEU B 232 25.13 8.37 -19.51
C LEU B 232 25.14 7.84 -18.08
N GLY B 233 23.99 7.91 -17.42
CA GLY B 233 23.83 7.45 -16.05
C GLY B 233 24.00 5.94 -15.89
N GLN B 234 23.38 5.17 -16.78
CA GLN B 234 23.62 3.73 -16.80
C GLN B 234 25.13 3.36 -16.88
N LYS B 235 25.86 3.90 -17.87
CA LYS B 235 27.33 3.76 -17.90
C LYS B 235 28.09 4.36 -16.68
N ALA B 236 27.73 5.56 -16.24
CA ALA B 236 28.51 6.22 -15.16
C ALA B 236 28.28 5.59 -13.79
N ARG B 237 27.00 5.41 -13.44
CA ARG B 237 26.59 5.03 -12.12
C ARG B 237 26.35 3.54 -11.95
N GLY B 238 26.16 2.81 -13.04
CA GLY B 238 25.95 1.34 -12.97
C GLY B 238 24.48 0.95 -13.07
N ASN B 239 23.63 1.52 -12.23
CA ASN B 239 22.19 1.32 -12.24
C ASN B 239 21.46 2.65 -12.49
N ALA B 240 20.64 2.74 -13.53
CA ALA B 240 19.86 3.96 -13.73
C ALA B 240 18.38 3.69 -13.68
N TYR B 241 17.65 4.66 -13.12
CA TYR B 241 16.20 4.55 -13.06
C TYR B 241 15.60 5.84 -13.57
N ARG B 242 14.76 5.73 -14.58
CA ARG B 242 14.00 6.91 -14.99
C ARG B 242 12.56 6.77 -14.52
N LEU B 243 11.98 7.84 -14.00
CA LEU B 243 10.66 7.74 -13.41
C LEU B 243 9.94 9.09 -13.37
N PRO B 244 8.61 9.06 -13.25
CA PRO B 244 7.87 10.32 -13.19
C PRO B 244 8.42 11.17 -12.04
N ALA B 245 8.65 12.45 -12.30
CA ALA B 245 9.06 13.40 -11.27
C ALA B 245 8.20 13.26 -9.97
N GLU B 246 6.91 13.00 -10.10
CA GLU B 246 6.01 12.95 -8.95
C GLU B 246 6.32 11.73 -8.08
N LEU B 247 7.09 10.78 -8.61
CA LEU B 247 7.45 9.62 -7.81
C LEU B 247 8.89 9.67 -7.26
N LEU B 248 9.63 10.75 -7.52
CA LEU B 248 11.02 10.83 -7.08
C LEU B 248 11.12 10.81 -5.55
N GLY B 249 10.36 11.69 -4.91
CA GLY B 249 10.19 11.74 -3.47
C GLY B 249 9.73 10.43 -2.86
N PRO B 250 8.56 9.91 -3.28
CA PRO B 250 8.07 8.63 -2.77
C PRO B 250 9.11 7.51 -2.93
N VAL B 251 9.99 7.64 -3.92
CA VAL B 251 10.95 6.55 -4.20
C VAL B 251 12.25 6.80 -3.44
N CYS B 252 12.66 8.04 -3.31
CA CYS B 252 13.95 8.36 -2.73
C CYS B 252 13.93 8.83 -1.29
N ASP B 253 12.80 9.32 -0.77
CA ASP B 253 12.81 9.85 0.58
C ASP B 253 12.41 8.78 1.57
N MET B 254 12.25 9.20 2.82
CA MET B 254 11.98 8.30 3.95
C MET B 254 10.81 7.33 3.75
N CYS B 255 9.81 7.80 2.99
CA CYS B 255 8.68 6.97 2.58
C CYS B 255 9.00 5.90 1.54
N SER B 256 10.25 5.82 1.05
CA SER B 256 10.60 4.74 0.12
C SER B 256 10.13 3.38 0.63
N ALA B 257 10.23 3.15 1.94
CA ALA B 257 9.75 1.87 2.49
C ALA B 257 8.31 1.62 2.21
N LEU B 258 7.45 2.62 2.44
CA LEU B 258 6.03 2.40 2.19
C LEU B 258 5.76 2.23 0.68
N THR B 259 6.47 3.03 -0.13
CA THR B 259 6.30 2.90 -1.60
C THR B 259 6.70 1.49 -2.06
N ALA B 260 7.84 0.98 -1.56
CA ALA B 260 8.22 -0.44 -1.85
C ALA B 260 7.16 -1.43 -1.43
N ILE B 261 6.66 -1.34 -0.19
CA ILE B 261 5.70 -2.35 0.31
C ILE B 261 4.46 -2.30 -0.56
N THR B 262 3.99 -1.07 -0.82
CA THR B 262 2.74 -0.93 -1.55
C THR B 262 2.87 -1.39 -2.99
N TYR B 263 3.98 -1.05 -3.65
CA TYR B 263 4.17 -1.45 -5.05
C TYR B 263 4.33 -2.97 -5.18
N ALA B 264 5.12 -3.58 -4.29
CA ALA B 264 5.17 -5.06 -4.21
C ALA B 264 3.77 -5.65 -4.06
N GLY B 265 2.96 -5.06 -3.18
CA GLY B 265 1.58 -5.54 -3.00
C GLY B 265 0.76 -5.45 -4.30
N ILE B 266 0.75 -4.26 -4.91
CA ILE B 266 -0.01 -4.03 -6.17
C ILE B 266 0.35 -5.03 -7.26
N LEU B 267 1.65 -5.20 -7.50
CA LEU B 267 2.14 -6.17 -8.54
C LEU B 267 1.74 -7.58 -8.18
N SER B 268 1.86 -7.93 -6.90
CA SER B 268 1.58 -9.33 -6.53
C SER B 268 0.05 -9.56 -6.66
N TYR B 269 -0.74 -8.59 -6.22
CA TYR B 269 -2.19 -8.67 -6.28
C TYR B 269 -2.63 -8.72 -7.75
N ARG B 270 -2.06 -7.85 -8.58
CA ARG B 270 -2.44 -7.84 -9.97
C ARG B 270 -2.20 -9.25 -10.54
N ASP B 271 -1.00 -9.81 -10.33
CA ASP B 271 -0.64 -11.12 -10.97
C ASP B 271 -1.54 -12.25 -10.47
N SER B 272 -1.88 -12.19 -9.18
CA SER B 272 -2.77 -13.22 -8.67
C SER B 272 -4.19 -13.20 -9.37
N VAL B 273 -4.67 -12.00 -9.74
CA VAL B 273 -5.97 -11.83 -10.39
C VAL B 273 -5.95 -12.17 -11.86
N THR B 274 -4.86 -11.81 -12.54
CA THR B 274 -4.82 -12.09 -13.98
C THR B 274 -4.40 -13.48 -14.25
N GLN B 275 -3.43 -13.98 -13.47
CA GLN B 275 -2.92 -15.34 -13.74
C GLN B 275 -3.86 -16.43 -13.23
N VAL B 276 -4.38 -16.24 -12.02
CA VAL B 276 -5.13 -17.32 -11.36
C VAL B 276 -6.66 -17.24 -11.53
N LEU B 277 -7.26 -16.06 -11.34
CA LEU B 277 -8.71 -15.87 -11.63
C LEU B 277 -8.95 -15.66 -13.15
N GLY B 278 -7.91 -15.23 -13.84
CA GLY B 278 -8.01 -15.02 -15.28
C GLY B 278 -8.94 -13.90 -15.69
N ALA B 279 -9.02 -12.87 -14.86
CA ALA B 279 -9.72 -11.63 -15.18
C ALA B 279 -8.77 -10.63 -15.87
N PRO B 280 -9.32 -9.72 -16.68
CA PRO B 280 -8.51 -8.70 -17.36
C PRO B 280 -7.81 -7.77 -16.37
N ALA B 281 -6.67 -7.22 -16.76
CA ALA B 281 -5.94 -6.27 -15.89
C ALA B 281 -6.82 -5.16 -15.30
N SER B 282 -7.78 -4.73 -16.08
CA SER B 282 -8.69 -3.66 -15.67
C SER B 282 -9.52 -4.02 -14.45
N PHE B 283 -10.04 -5.25 -14.38
CA PHE B 283 -10.71 -5.71 -13.16
C PHE B 283 -9.78 -5.63 -11.92
N ALA B 284 -8.52 -6.06 -12.03
CA ALA B 284 -7.60 -5.90 -10.91
C ALA B 284 -7.47 -4.42 -10.53
N GLN B 285 -7.34 -3.55 -11.53
CA GLN B 285 -6.97 -2.16 -11.27
C GLN B 285 -8.16 -1.45 -10.61
N MET B 286 -9.35 -1.84 -11.00
CA MET B 286 -10.55 -1.22 -10.48
C MET B 286 -10.70 -1.57 -8.99
N MET B 287 -10.37 -2.81 -8.62
CA MET B 287 -10.37 -3.23 -7.19
C MET B 287 -9.26 -2.59 -6.42
N ALA B 288 -8.09 -2.53 -7.01
CA ALA B 288 -6.96 -1.96 -6.33
C ALA B 288 -7.13 -0.47 -6.03
N LYS B 289 -7.75 0.26 -6.96
CA LYS B 289 -7.89 1.69 -6.83
C LYS B 289 -8.78 2.03 -5.62
N GLU B 290 -9.91 1.33 -5.49
CA GLU B 290 -10.82 1.51 -4.37
C GLU B 290 -10.10 1.10 -3.06
N SER B 291 -9.36 0.02 -3.08
CA SER B 291 -8.62 -0.36 -1.89
C SER B 291 -7.54 0.69 -1.48
N LEU B 292 -6.72 1.16 -2.43
CA LEU B 292 -5.72 2.18 -2.16
C LEU B 292 -6.32 3.52 -1.69
N GLU B 293 -7.39 3.94 -2.34
CA GLU B 293 -7.94 5.25 -2.11
C GLU B 293 -8.60 5.29 -0.76
N GLN B 294 -9.26 4.19 -0.40
CA GLN B 294 -10.00 4.17 0.87
C GLN B 294 -9.09 4.04 2.08
N ILE B 295 -8.03 3.23 1.98
CA ILE B 295 -7.10 3.12 3.10
C ILE B 295 -6.35 4.46 3.30
N THR B 296 -5.98 5.08 2.19
CA THR B 296 -5.43 6.42 2.19
C THR B 296 -6.39 7.46 2.79
N ALA B 297 -7.67 7.44 2.38
CA ALA B 297 -8.64 8.39 2.94
C ALA B 297 -8.86 8.16 4.46
N LEU B 298 -8.88 6.91 4.88
CA LEU B 298 -8.96 6.61 6.32
C LEU B 298 -7.85 7.31 7.11
N MET B 299 -6.62 7.07 6.68
CA MET B 299 -5.43 7.63 7.32
C MET B 299 -5.55 9.16 7.46
N GLU B 300 -6.02 9.81 6.40
CA GLU B 300 -6.19 11.27 6.38
C GLU B 300 -7.33 11.74 7.28
N LYS B 301 -8.44 11.02 7.23
CA LYS B 301 -9.57 11.26 8.08
C LYS B 301 -9.25 11.13 9.60
N VAL B 302 -8.69 9.98 10.02
CA VAL B 302 -8.48 9.80 11.49
C VAL B 302 -7.07 10.09 12.01
N GLY B 303 -6.11 10.18 11.11
CA GLY B 303 -4.72 10.39 11.54
C GLY B 303 -4.00 9.04 11.45
N ILE B 304 -2.75 9.03 11.01
CA ILE B 304 -2.00 7.76 10.90
C ILE B 304 -1.87 7.06 12.27
N ASP B 305 -1.79 7.84 13.34
CA ASP B 305 -1.68 7.27 14.70
C ASP B 305 -2.98 6.68 15.26
N LYS B 306 -4.10 6.85 14.56
CA LYS B 306 -5.38 6.40 15.14
C LYS B 306 -6.11 5.41 14.26
N MET B 307 -5.44 4.91 13.24
CA MET B 307 -6.10 3.96 12.33
C MET B 307 -6.63 2.72 13.04
N GLU B 308 -5.86 2.16 13.98
CA GLU B 308 -6.24 0.86 14.63
C GLU B 308 -7.53 1.01 15.43
N GLU B 309 -7.73 2.15 16.08
CA GLU B 309 -8.97 2.39 16.85
C GLU B 309 -10.22 2.43 15.95
N ASN B 310 -10.01 2.65 14.65
CA ASN B 310 -11.06 2.73 13.64
C ASN B 310 -11.16 1.56 12.67
N LEU B 311 -10.02 0.96 12.34
CA LEU B 311 -10.01 -0.29 11.55
C LEU B 311 -9.17 -1.31 12.30
N ASP B 312 -9.78 -2.21 13.04
CA ASP B 312 -9.04 -3.28 13.75
C ASP B 312 -8.10 -4.01 12.73
N PRO B 313 -6.77 -3.98 12.93
CA PRO B 313 -5.89 -4.76 12.01
C PRO B 313 -6.31 -6.24 11.87
N GLY B 314 -6.88 -6.82 12.93
CA GLY B 314 -7.49 -8.14 12.79
C GLY B 314 -8.61 -8.31 11.79
N ALA B 315 -9.33 -7.24 11.43
CA ALA B 315 -10.41 -7.31 10.42
C ALA B 315 -9.95 -8.01 9.12
N LEU B 316 -8.67 -7.81 8.75
CA LEU B 316 -8.16 -8.32 7.46
C LEU B 316 -7.79 -9.79 7.45
N LEU B 317 -7.70 -10.40 8.64
CA LEU B 317 -7.25 -11.78 8.77
C LEU B 317 -8.24 -12.80 8.23
N GLY B 318 -9.53 -12.60 8.46
CA GLY B 318 -10.51 -13.59 8.06
C GLY B 318 -11.12 -13.29 6.69
N THR B 319 -10.62 -12.26 6.00
CA THR B 319 -11.04 -12.00 4.62
C THR B 319 -9.90 -12.16 3.62
N ALA B 320 -8.75 -11.55 3.89
CA ALA B 320 -7.55 -11.69 3.04
C ALA B 320 -6.98 -13.10 2.94
N ASP B 321 -7.21 -13.96 3.96
CA ASP B 321 -6.77 -15.37 3.85
C ASP B 321 -7.37 -16.03 2.61
N SER B 322 -8.52 -15.58 2.13
CA SER B 322 -9.02 -16.27 0.93
C SER B 322 -8.44 -15.69 -0.37
N MET B 323 -7.57 -14.69 -0.27
CA MET B 323 -6.82 -14.21 -1.45
C MET B 323 -5.36 -14.67 -1.42
N ASN B 324 -5.07 -15.59 -0.51
CA ASN B 324 -3.72 -16.11 -0.36
C ASN B 324 -3.38 -17.20 -1.39
N PHE B 325 -3.29 -16.82 -2.67
CA PHE B 325 -2.91 -17.75 -3.75
C PHE B 325 -2.13 -16.93 -4.78
N GLY B 326 -1.55 -17.60 -5.77
CA GLY B 326 -0.76 -16.93 -6.81
C GLY B 326 0.39 -16.11 -6.25
N ALA B 327 0.66 -14.97 -6.86
CA ALA B 327 1.77 -14.16 -6.42
C ALA B 327 1.57 -13.49 -5.05
N SER B 328 0.32 -13.35 -4.60
CA SER B 328 0.06 -12.78 -3.27
C SER B 328 0.48 -13.73 -2.14
N ALA B 329 0.57 -15.04 -2.42
CA ALA B 329 1.09 -16.01 -1.45
C ALA B 329 2.53 -15.70 -1.00
N GLU B 330 3.31 -15.01 -1.83
CA GLU B 330 4.70 -14.63 -1.46
C GLU B 330 4.77 -13.56 -0.34
N ILE B 331 3.75 -12.72 -0.22
CA ILE B 331 3.81 -11.62 0.74
C ILE B 331 2.76 -11.72 1.86
N LEU B 332 1.61 -12.30 1.56
CA LEU B 332 0.52 -12.36 2.50
C LEU B 332 0.86 -13.05 3.87
N PRO B 333 1.63 -14.15 3.90
CA PRO B 333 1.93 -14.75 5.21
C PRO B 333 2.72 -13.84 6.13
N THR B 334 3.68 -13.10 5.58
CA THR B 334 4.39 -12.06 6.36
C THR B 334 3.41 -10.95 6.87
N VAL B 335 2.47 -10.56 6.03
CA VAL B 335 1.45 -9.55 6.36
C VAL B 335 0.53 -10.06 7.48
N PHE B 336 0.09 -11.33 7.38
CA PHE B 336 -0.73 -11.91 8.47
C PHE B 336 -0.04 -11.92 9.83
N GLU B 337 1.27 -12.22 9.87
CA GLU B 337 1.99 -12.22 11.17
C GLU B 337 1.94 -10.81 11.78
N ILE B 338 2.19 -9.78 10.96
CA ILE B 338 2.11 -8.37 11.37
C ILE B 338 0.72 -7.99 11.85
N LEU B 339 -0.29 -8.31 11.05
CA LEU B 339 -1.64 -7.96 11.43
C LEU B 339 -2.06 -8.65 12.71
N GLU B 340 -1.71 -9.94 12.81
CA GLU B 340 -1.85 -10.74 14.03
C GLU B 340 -1.30 -10.08 15.30
N LYS B 341 -0.08 -9.53 15.25
CA LYS B 341 0.51 -8.89 16.45
C LYS B 341 -0.26 -7.63 16.86
N ARG B 342 -0.96 -7.01 15.93
CA ARG B 342 -1.53 -5.66 16.14
C ARG B 342 -3.04 -5.63 16.27
N LYS B 343 -3.68 -6.78 16.13
CA LYS B 343 -5.11 -6.86 16.25
C LYS B 343 -5.58 -6.53 17.67
N LYS B 344 -6.78 -5.99 17.78
CA LYS B 344 -7.34 -5.60 19.06
C LYS B 344 -7.61 -6.83 19.94
O2 FE9 C . -22.67 -16.03 -1.16
FE FE9 C . -22.05 -14.13 1.06
C1F FE9 C . -22.28 -15.63 2.15
O1F FE9 C . -22.40 -16.59 2.88
C2F FE9 C . -20.47 -13.63 1.99
O2F FE9 C . -19.47 -13.30 2.63
C8 FE9 C . -23.46 -13.09 2.00
O18 FE9 C . -22.88 -12.13 2.89
C7 FE9 C . -24.86 -12.92 1.43
C6 FE9 C . -24.93 -13.97 0.39
N1 FE9 C . -23.79 -14.60 0.04
C5 FE9 C . -26.15 -14.23 -0.24
C5M FE9 C . -27.42 -13.50 0.11
C4 FE9 C . -26.21 -15.18 -1.25
C3 FE9 C . -25.03 -15.84 -1.63
C3M FE9 C . -25.01 -16.87 -2.74
C2 FE9 C . -23.87 -15.51 -0.93
O3P FE9 C . -27.41 -15.42 -1.87
P1 FE9 C . -28.30 -16.76 -1.60
O1P FE9 C . -28.86 -17.28 -2.88
O2P FE9 C . -27.56 -17.66 -0.61
O5' FE9 C . -29.50 -16.11 -0.72
C5' FE9 C . -30.44 -15.23 -1.31
C4' FE9 C . -31.74 -15.59 -0.62
O4' FE9 C . -32.70 -14.59 -0.86
C1' FE9 C . -33.90 -15.27 -0.95
C2' FE9 C . -33.60 -16.52 -1.71
O2' FE9 C . -34.62 -17.48 -1.55
C3' FE9 C . -32.32 -16.94 -1.04
O3' FE9 C . -32.65 -17.73 0.12
N9A FE9 C . -34.95 -14.39 -1.56
C4A FE9 C . -35.81 -13.75 -0.78
N3A FE9 C . -36.02 -13.69 0.56
C2A FE9 C . -37.05 -12.95 1.05
N2A FE9 C . -37.27 -12.93 2.39
N1A FE9 C . -37.86 -12.25 0.23
C6A FE9 C . -37.64 -12.30 -1.11
O6A FE9 C . -38.43 -11.60 -1.94
C5A FE9 C . -36.61 -13.05 -1.66
N7A FE9 C . -36.16 -13.29 -2.93
C8A FE9 C . -35.11 -14.14 -2.88
C1B N2I D . -21.65 -15.30 -0.42
N1B N2I D . -20.50 -15.63 -0.78
C2 N2I D . -19.25 -15.21 -0.32
C3 N2I D . -18.41 -16.27 0.10
C4 N2I D . -17.14 -16.01 0.58
C4A N2I D . -16.69 -14.69 0.66
C8A N2I D . -17.53 -13.62 0.24
C1 N2I D . -18.82 -13.87 -0.28
C5 N2I D . -15.40 -14.44 1.15
C6 N2I D . -14.95 -13.12 1.23
C7 N2I D . -15.79 -12.07 0.82
C8 N2I D . -17.07 -12.31 0.32
O2 FE9 E . 23.26 15.11 1.60
FE FE9 E . 22.11 14.04 -0.94
C1F FE9 E . 23.82 13.24 -1.09
O1F FE9 E . 24.92 12.74 -1.18
C2F FE9 E . 21.29 12.39 -1.43
O2F FE9 E . 20.73 11.35 -1.74
C8 FE9 E . 22.24 14.98 -2.68
O18 FE9 E . 21.45 14.21 -3.63
C7 FE9 E . 22.54 16.47 -2.77
C6 FE9 E . 23.12 16.79 -1.43
N1 FE9 E . 23.01 15.84 -0.46
C5 FE9 E . 23.67 18.03 -1.17
C5M FE9 E . 23.73 19.07 -2.25
C4 FE9 E . 24.13 18.30 0.12
C3 FE9 E . 24.00 17.34 1.11
C3M FE9 E . 24.49 17.56 2.53
C2 FE9 E . 23.45 16.13 0.76
O3P FE9 E . 24.68 19.50 0.46
P1 FE9 E . 26.26 19.80 0.46
O1P FE9 E . 26.55 20.70 1.63
O2P FE9 E . 27.05 18.52 0.31
O5' FE9 E . 26.38 20.60 -0.92
C5' FE9 E . 26.05 21.99 -1.00
C4' FE9 E . 27.12 22.58 -1.89
O4' FE9 E . 26.69 23.63 -2.77
C1' FE9 E . 27.59 24.69 -2.47
C2' FE9 E . 28.36 24.49 -1.20
O2' FE9 E . 29.64 25.13 -1.26
C3' FE9 E . 28.39 22.98 -1.13
O3' FE9 E . 29.52 22.43 -1.84
N9A FE9 E . 27.20 26.04 -2.85
C4A FE9 E . 27.37 26.47 -4.10
N3A FE9 E . 27.85 25.96 -5.26
C2A FE9 E . 27.87 26.76 -6.37
N2A FE9 E . 28.35 26.28 -7.51
N1A FE9 E . 27.41 28.05 -6.34
C6A FE9 E . 26.92 28.56 -5.17
O6A FE9 E . 26.46 29.83 -5.10
C5A FE9 E . 26.90 27.77 -4.02
N7A FE9 E . 26.48 28.01 -2.74
C8A FE9 E . 26.67 26.92 -1.99
C1B N2I F . 22.43 14.09 0.96
N1B N2I F . 22.07 13.21 1.78
C2 N2I F . 21.34 12.04 1.66
C3 N2I F . 21.93 10.90 2.23
C4 N2I F . 21.29 9.67 2.18
C4A N2I F . 20.03 9.57 1.56
C8A N2I F . 19.42 10.73 0.99
C1 N2I F . 20.07 11.97 1.06
C5 N2I F . 19.38 8.33 1.51
C6 N2I F . 18.13 8.24 0.89
C7 N2I F . 17.53 9.38 0.32
C8 N2I F . 18.16 10.63 0.36
#